data_3CJ8
#
_entry.id   3CJ8
#
_cell.length_a   95.209
_cell.length_b   55.179
_cell.length_c   140.387
_cell.angle_alpha   90.00
_cell.angle_beta   95.63
_cell.angle_gamma   90.00
#
_symmetry.space_group_name_H-M   'C 1 2 1'
#
loop_
_entity.id
_entity.type
_entity.pdbx_description
1 polymer '2,3,4,5-tetrahydropyridine-2,6-dicarboxylate N-acetyltransferase'
2 non-polymer 'MAGNESIUM ION'
3 non-polymer 'CHLORIDE ION'
4 non-polymer 'ACETATE ION'
5 non-polymer 'FORMIC ACID'
6 non-polymer DI(HYDROXYETHYL)ETHER
7 water water
#
_entity_poly.entity_id   1
_entity_poly.type   'polypeptide(L)'
_entity_poly.pdbx_seq_one_letter_code
;SNA(MSE)DAYEIIQYIGDAKKQTLVKVTLKGQLKEVTFPETIKVFNNCKTGTLFGDWADVKPFLEANKEKIEDYVVEND
ARNSAIPFLDLKDINARIEPGALIREKVEIGDQAVI(MSE)(MSE)GAILNIGAVVGAGT(MSE)ID(MSE)GAVLGGRA
TVGKHCHIGAGTVLAGVIEPPSAAPVVIENEVVIGANAVVLEGVRVGEGAVVAAGAVVVEDVPAHTVVAGVPAKVIKQID
DKTKSKTEILEELRKL
;
_entity_poly.pdbx_strand_id   A,B,C
#
loop_
_chem_comp.id
_chem_comp.type
_chem_comp.name
_chem_comp.formula
ACT non-polymer 'ACETATE ION' 'C2 H3 O2 -1'
CL non-polymer 'CHLORIDE ION' 'Cl -1'
FMT non-polymer 'FORMIC ACID' 'C H2 O2'
MG non-polymer 'MAGNESIUM ION' 'Mg 2'
PEG non-polymer DI(HYDROXYETHYL)ETHER 'C4 H10 O3'
#
# COMPACT_ATOMS: atom_id res chain seq x y z
N ALA A 3 -12.98 11.82 -27.21
CA ALA A 3 -12.91 13.32 -27.07
C ALA A 3 -13.54 13.77 -25.76
N MSE A 4 -14.55 13.02 -25.31
CA MSE A 4 -15.31 13.42 -24.13
CA MSE A 4 -15.36 13.37 -24.15
C MSE A 4 -14.93 12.67 -22.86
O MSE A 4 -15.59 12.79 -21.83
CB MSE A 4 -16.81 13.26 -24.41
CB MSE A 4 -16.83 13.06 -24.44
CG MSE A 4 -17.28 14.18 -25.51
CG MSE A 4 -17.76 14.24 -24.22
SE MSE A 4 -19.15 13.94 -25.90
SE MSE A 4 -17.33 15.72 -25.42
CE MSE A 4 -19.84 14.46 -24.19
CE MSE A 4 -15.65 16.27 -24.69
N ASP A 5 -13.83 11.94 -22.94
CA ASP A 5 -13.39 11.14 -21.83
C ASP A 5 -13.28 11.85 -20.48
N ALA A 6 -12.64 13.01 -20.48
CA ALA A 6 -12.41 13.76 -19.25
C ALA A 6 -13.71 14.28 -18.64
N TYR A 7 -14.69 14.59 -19.50
CA TYR A 7 -16.00 15.06 -19.07
C TYR A 7 -16.79 13.90 -18.43
N GLU A 8 -16.68 12.74 -19.07
CA GLU A 8 -17.37 11.52 -18.64
C GLU A 8 -16.79 10.97 -17.32
N ILE A 9 -15.51 11.24 -17.06
CA ILE A 9 -14.88 10.89 -15.76
C ILE A 9 -15.49 11.73 -14.65
N ILE A 10 -15.55 13.06 -14.87
CA ILE A 10 -16.12 13.97 -13.87
C ILE A 10 -17.63 13.64 -13.64
N GLN A 11 -18.35 13.28 -14.71
CA GLN A 11 -19.75 12.83 -14.59
C GLN A 11 -19.86 11.53 -13.78
N TYR A 12 -18.98 10.57 -14.05
CA TYR A 12 -18.92 9.33 -13.27
C TYR A 12 -18.69 9.55 -11.76
N ILE A 13 -17.70 10.37 -11.42
CA ILE A 13 -17.38 10.79 -10.03
C ILE A 13 -18.58 11.42 -9.32
N GLY A 14 -19.32 12.30 -10.00
CA GLY A 14 -20.46 13.01 -9.41
C GLY A 14 -21.67 12.12 -9.20
N ASP A 15 -21.72 11.05 -9.98
CA ASP A 15 -22.77 10.03 -9.87
C ASP A 15 -22.45 8.99 -8.81
N ALA A 16 -21.17 8.86 -8.43
CA ALA A 16 -20.77 7.78 -7.53
C ALA A 16 -21.33 8.01 -6.14
N LYS A 17 -21.77 6.93 -5.52
CA LYS A 17 -22.43 6.97 -4.24
C LYS A 17 -21.43 6.63 -3.14
N LYS A 18 -21.25 7.53 -2.19
CA LYS A 18 -20.37 7.26 -1.04
C LYS A 18 -20.86 6.05 -0.22
N GLN A 19 -19.93 5.16 0.13
CA GLN A 19 -20.24 3.98 0.95
C GLN A 19 -19.17 3.63 1.99
N THR A 20 -19.55 2.85 2.99
CA THR A 20 -18.65 2.39 4.05
C THR A 20 -18.91 0.90 4.15
N LEU A 21 -18.33 0.16 3.20
CA LEU A 21 -18.69 -1.25 3.03
C LEU A 21 -17.99 -2.05 4.10
N VAL A 22 -18.72 -3.01 4.66
CA VAL A 22 -18.22 -3.88 5.72
C VAL A 22 -18.50 -5.35 5.40
N LYS A 23 -17.66 -6.23 5.95
CA LYS A 23 -17.89 -7.68 5.96
C LYS A 23 -18.03 -8.08 7.43
N VAL A 24 -19.19 -8.61 7.79
CA VAL A 24 -19.45 -8.98 9.16
C VAL A 24 -19.51 -10.50 9.25
N THR A 25 -18.76 -11.08 10.19
CA THR A 25 -18.95 -12.48 10.60
C THR A 25 -19.63 -12.46 11.95
N LEU A 26 -20.72 -13.24 12.09
CA LEU A 26 -21.52 -13.32 13.32
C LEU A 26 -22.07 -14.73 13.67
N LYS A 27 -22.53 -14.85 14.91
CA LYS A 27 -23.19 -16.06 15.40
C LYS A 27 -24.35 -15.71 16.36
N GLY A 28 -25.29 -16.64 16.51
CA GLY A 28 -26.46 -16.40 17.35
C GLY A 28 -27.69 -17.20 16.92
N GLN A 29 -28.85 -16.71 17.36
CA GLN A 29 -30.11 -17.34 17.01
C GLN A 29 -30.60 -16.71 15.70
N LEU A 30 -29.88 -17.04 14.60
CA LEU A 30 -30.01 -16.29 13.35
C LEU A 30 -31.26 -16.59 12.52
N LYS A 31 -31.97 -17.64 12.88
CA LYS A 31 -33.24 -17.95 12.25
C LYS A 31 -34.31 -17.05 12.80
N GLU A 32 -34.11 -16.58 14.01
CA GLU A 32 -34.94 -15.54 14.64
C GLU A 32 -34.67 -14.13 14.09
N VAL A 33 -33.56 -13.95 13.39
CA VAL A 33 -33.16 -12.64 12.90
C VAL A 33 -33.82 -12.31 11.56
N THR A 34 -34.13 -11.04 11.36
CA THR A 34 -34.76 -10.56 10.13
C THR A 34 -33.78 -9.59 9.43
N PHE A 35 -33.26 -10.01 8.28
CA PHE A 35 -32.28 -9.21 7.54
C PHE A 35 -33.00 -8.35 6.53
N PRO A 36 -32.55 -7.08 6.34
CA PRO A 36 -33.18 -6.25 5.34
C PRO A 36 -32.60 -6.54 3.95
N GLU A 37 -33.33 -6.13 2.90
CA GLU A 37 -32.90 -6.35 1.52
C GLU A 37 -31.58 -5.67 1.20
N THR A 38 -31.19 -4.71 2.04
CA THR A 38 -30.00 -3.87 1.83
C THR A 38 -28.69 -4.59 2.18
N ILE A 39 -28.79 -5.68 2.93
CA ILE A 39 -27.63 -6.44 3.35
C ILE A 39 -27.57 -7.76 2.58
N LYS A 40 -26.42 -8.07 1.98
CA LYS A 40 -26.20 -9.39 1.37
C LYS A 40 -25.81 -10.39 2.46
N VAL A 41 -26.64 -11.42 2.65
CA VAL A 41 -26.43 -12.33 3.78
C VAL A 41 -26.15 -13.78 3.35
N PHE A 42 -25.16 -14.38 4.00
CA PHE A 42 -24.80 -15.78 3.79
C PHE A 42 -24.78 -16.54 5.13
N ASN A 43 -25.91 -17.11 5.52
CA ASN A 43 -25.98 -17.73 6.84
C ASN A 43 -26.67 -19.09 6.91
N ASN A 44 -26.31 -19.87 7.93
CA ASN A 44 -27.10 -21.04 8.36
C ASN A 44 -27.89 -20.67 9.63
N CYS A 45 -28.41 -21.66 10.36
CA CYS A 45 -29.12 -21.34 11.60
C CYS A 45 -28.20 -20.83 12.74
N LYS A 46 -26.86 -21.17 12.61
CA LYS A 46 -25.92 -20.95 13.72
C LYS A 46 -25.04 -19.71 13.50
N THR A 47 -24.46 -19.66 12.31
CA THR A 47 -23.45 -18.62 11.98
C THR A 47 -23.71 -17.97 10.61
N GLY A 48 -22.99 -16.87 10.30
CA GLY A 48 -23.21 -16.17 9.03
C GLY A 48 -22.19 -15.13 8.63
N THR A 49 -22.24 -14.71 7.37
CA THR A 49 -21.40 -13.63 6.80
C THR A 49 -22.29 -12.58 6.11
N LEU A 50 -22.15 -11.31 6.49
CA LEU A 50 -22.95 -10.24 5.94
C LEU A 50 -22.05 -9.26 5.18
N PHE A 51 -22.56 -8.73 4.07
CA PHE A 51 -21.85 -7.71 3.30
C PHE A 51 -22.81 -6.54 3.10
N GLY A 52 -22.36 -5.32 3.39
CA GLY A 52 -23.24 -4.16 3.22
C GLY A 52 -22.63 -2.84 3.68
N ASP A 53 -23.36 -1.76 3.41
CA ASP A 53 -22.98 -0.43 3.88
C ASP A 53 -23.18 -0.33 5.40
N TRP A 54 -22.21 0.29 6.07
CA TRP A 54 -22.23 0.48 7.52
C TRP A 54 -23.50 1.20 8.00
N ALA A 55 -24.06 2.07 7.16
CA ALA A 55 -25.28 2.82 7.50
C ALA A 55 -26.49 1.91 7.65
N ASP A 56 -26.49 0.79 6.91
CA ASP A 56 -27.54 -0.23 7.03
C ASP A 56 -27.18 -1.28 8.06
N VAL A 57 -25.90 -1.65 8.12
CA VAL A 57 -25.43 -2.72 9.01
C VAL A 57 -25.45 -2.31 10.48
N LYS A 58 -24.95 -1.12 10.81
CA LYS A 58 -24.92 -0.61 12.18
C LYS A 58 -26.29 -0.62 12.89
N PRO A 59 -27.34 0.00 12.30
CA PRO A 59 -28.65 -0.06 12.96
C PRO A 59 -29.23 -1.48 13.00
N PHE A 60 -28.87 -2.30 12.02
CA PHE A 60 -29.25 -3.71 12.00
C PHE A 60 -28.71 -4.47 13.23
N LEU A 61 -27.42 -4.30 13.51
CA LEU A 61 -26.80 -4.97 14.67
C LEU A 61 -27.36 -4.50 16.00
N GLU A 62 -27.61 -3.18 16.09
CA GLU A 62 -28.27 -2.59 17.24
C GLU A 62 -29.66 -3.18 17.44
N ALA A 63 -30.43 -3.35 16.36
CA ALA A 63 -31.80 -3.87 16.47
C ALA A 63 -31.87 -5.33 16.94
N ASN A 64 -30.88 -6.13 16.56
CA ASN A 64 -30.89 -7.58 16.85
C ASN A 64 -29.88 -8.03 17.94
N LYS A 65 -29.33 -7.06 18.69
CA LYS A 65 -28.31 -7.31 19.71
C LYS A 65 -28.60 -8.46 20.69
N GLU A 66 -29.89 -8.73 20.93
CA GLU A 66 -30.31 -9.80 21.84
C GLU A 66 -30.26 -11.20 21.23
N LYS A 67 -30.24 -11.30 19.90
CA LYS A 67 -30.15 -12.56 19.19
C LYS A 67 -28.75 -12.87 18.65
N ILE A 68 -27.93 -11.85 18.56
CA ILE A 68 -26.53 -11.98 18.08
C ILE A 68 -25.56 -12.11 19.27
N GLU A 69 -24.89 -13.26 19.37
CA GLU A 69 -23.97 -13.52 20.48
C GLU A 69 -22.64 -12.76 20.33
N ASP A 70 -22.06 -12.78 19.14
CA ASP A 70 -20.78 -12.15 18.89
C ASP A 70 -20.65 -11.84 17.42
N TYR A 71 -19.83 -10.84 17.09
CA TYR A 71 -19.55 -10.50 15.69
C TYR A 71 -18.20 -9.79 15.53
N VAL A 72 -17.66 -9.87 14.32
CA VAL A 72 -16.45 -9.14 13.90
C VAL A 72 -16.81 -8.37 12.65
N VAL A 73 -16.37 -7.12 12.56
CA VAL A 73 -16.67 -6.27 11.42
C VAL A 73 -15.33 -5.97 10.79
N GLU A 74 -15.20 -6.19 9.49
CA GLU A 74 -13.98 -5.83 8.79
C GLU A 74 -14.32 -4.68 7.84
N ASN A 75 -13.39 -3.73 7.73
CA ASN A 75 -13.66 -2.49 7.01
C ASN A 75 -12.33 -1.89 6.61
N ASP A 76 -12.32 -1.27 5.43
CA ASP A 76 -11.13 -0.84 4.72
C ASP A 76 -11.25 0.64 4.35
N ALA A 77 -12.46 1.14 4.26
CA ALA A 77 -12.70 2.46 3.69
C ALA A 77 -13.92 3.18 4.29
N ARG A 78 -13.94 4.51 4.19
CA ARG A 78 -15.00 5.31 4.82
C ARG A 78 -15.50 6.41 3.86
N ASN A 79 -16.81 6.45 3.63
CA ASN A 79 -17.39 7.43 2.69
C ASN A 79 -16.69 7.43 1.31
N SER A 80 -16.24 6.27 0.88
CA SER A 80 -15.57 6.09 -0.39
C SER A 80 -16.59 5.86 -1.51
N ALA A 81 -16.53 6.68 -2.55
CA ALA A 81 -17.51 6.56 -3.64
C ALA A 81 -17.04 5.79 -4.89
N ILE A 82 -15.79 6.01 -5.31
CA ILE A 82 -15.32 5.45 -6.57
CA ILE A 82 -15.28 5.46 -6.57
C ILE A 82 -14.91 3.99 -6.37
N PRO A 83 -15.54 3.07 -7.16
CA PRO A 83 -15.20 1.66 -6.98
C PRO A 83 -13.84 1.32 -7.57
N PHE A 84 -13.30 0.19 -7.16
CA PHE A 84 -12.02 -0.27 -7.69
C PHE A 84 -12.26 -1.10 -8.94
N LEU A 85 -11.25 -1.19 -9.80
CA LEU A 85 -11.33 -1.95 -11.06
C LEU A 85 -11.36 -3.46 -10.81
N ASP A 86 -12.26 -4.17 -11.50
CA ASP A 86 -12.27 -5.62 -11.54
C ASP A 86 -11.06 -6.12 -12.35
N LEU A 87 -10.20 -6.87 -11.68
CA LEU A 87 -8.89 -7.27 -12.22
C LEU A 87 -8.94 -8.65 -12.83
N LYS A 88 -10.01 -9.41 -12.55
CA LYS A 88 -10.01 -10.84 -12.72
C LYS A 88 -9.88 -11.29 -14.18
N ASP A 89 -10.36 -10.46 -15.12
CA ASP A 89 -10.34 -10.82 -16.53
C ASP A 89 -9.37 -10.00 -17.40
N ILE A 90 -8.51 -9.19 -16.78
CA ILE A 90 -7.57 -8.36 -17.54
C ILE A 90 -6.40 -9.20 -18.06
N ASN A 91 -6.02 -8.93 -19.31
CA ASN A 91 -4.88 -9.57 -20.01
C ASN A 91 -3.58 -8.83 -19.66
N ALA A 92 -3.25 -8.85 -18.38
CA ALA A 92 -2.11 -8.18 -17.80
C ALA A 92 -1.75 -8.79 -16.45
N ARG A 93 -0.67 -8.27 -15.87
CA ARG A 93 -0.20 -8.75 -14.57
C ARG A 93 -0.35 -7.65 -13.53
N ILE A 94 -1.17 -7.93 -12.53
CA ILE A 94 -1.37 -6.97 -11.40
C ILE A 94 -1.04 -7.69 -10.10
N GLU A 95 -0.06 -7.15 -9.38
CA GLU A 95 0.44 -7.79 -8.16
C GLU A 95 -0.35 -7.34 -6.94
N PRO A 96 -0.38 -8.15 -5.89
CA PRO A 96 -1.16 -7.78 -4.69
C PRO A 96 -0.70 -6.47 -4.03
N GLY A 97 -1.64 -5.71 -3.50
CA GLY A 97 -1.34 -4.40 -2.93
C GLY A 97 -1.36 -3.26 -3.93
N ALA A 98 -1.44 -3.56 -5.23
CA ALA A 98 -1.73 -2.50 -6.20
C ALA A 98 -3.16 -2.00 -5.94
N LEU A 99 -3.34 -0.69 -6.01
CA LEU A 99 -4.63 -0.03 -5.77
C LEU A 99 -5.08 0.66 -7.07
N ILE A 100 -6.09 0.09 -7.73
CA ILE A 100 -6.46 0.57 -9.06
C ILE A 100 -7.96 0.91 -9.02
N ARG A 101 -8.28 2.16 -9.31
CA ARG A 101 -9.69 2.61 -9.31
C ARG A 101 -10.39 2.21 -10.61
N GLU A 102 -11.73 2.32 -10.65
CA GLU A 102 -12.50 2.12 -11.88
C GLU A 102 -12.04 3.07 -12.96
N LYS A 103 -12.37 2.74 -14.22
CA LYS A 103 -12.08 3.60 -15.39
C LYS A 103 -10.61 3.82 -15.61
N VAL A 104 -9.82 2.81 -15.28
CA VAL A 104 -8.42 2.76 -15.61
C VAL A 104 -8.25 1.73 -16.71
N GLU A 105 -7.39 2.08 -17.68
CA GLU A 105 -7.12 1.22 -18.81
C GLU A 105 -5.72 0.64 -18.67
N ILE A 106 -5.70 -0.69 -18.65
CA ILE A 106 -4.46 -1.45 -18.55
C ILE A 106 -4.27 -2.27 -19.85
N GLY A 107 -3.21 -1.97 -20.61
CA GLY A 107 -2.96 -2.58 -21.94
C GLY A 107 -2.50 -4.04 -21.81
N ASP A 108 -2.46 -4.74 -22.94
CA ASP A 108 -2.08 -6.14 -22.99
C ASP A 108 -0.67 -6.33 -22.47
N GLN A 109 -0.50 -7.33 -21.63
CA GLN A 109 0.77 -7.67 -21.01
C GLN A 109 1.48 -6.53 -20.28
N ALA A 110 0.71 -5.53 -19.83
CA ALA A 110 1.28 -4.61 -18.86
C ALA A 110 1.53 -5.32 -17.52
N VAL A 111 2.33 -4.65 -16.68
CA VAL A 111 2.68 -5.14 -15.36
C VAL A 111 2.51 -4.00 -14.37
N ILE A 112 1.59 -4.22 -13.43
CA ILE A 112 1.39 -3.31 -12.32
C ILE A 112 1.95 -3.91 -11.04
N MSE A 113 3.05 -3.35 -10.53
CA MSE A 113 3.75 -3.94 -9.38
C MSE A 113 3.07 -3.64 -8.03
O MSE A 113 2.19 -2.78 -7.95
CB MSE A 113 5.21 -3.49 -9.33
CG MSE A 113 6.04 -4.03 -10.49
SE MSE A 113 6.28 -5.97 -10.43
CE MSE A 113 7.28 -6.07 -8.76
N MSE A 114 3.46 -4.41 -7.01
CA MSE A 114 3.02 -4.20 -5.62
C MSE A 114 3.02 -2.74 -5.23
O MSE A 114 4.01 -1.99 -5.48
CB MSE A 114 3.91 -4.96 -4.65
CG MSE A 114 3.76 -6.48 -4.74
SE MSE A 114 5.03 -7.18 -6.06
CE MSE A 114 6.69 -6.74 -5.07
N GLY A 115 1.90 -2.32 -4.64
CA GLY A 115 1.81 -1.00 -4.03
C GLY A 115 1.69 0.14 -5.00
N ALA A 116 1.68 -0.13 -6.32
CA ALA A 116 1.38 0.95 -7.25
C ALA A 116 -0.09 1.42 -7.12
N ILE A 117 -0.29 2.67 -7.46
CA ILE A 117 -1.57 3.35 -7.31
C ILE A 117 -1.97 4.02 -8.63
N LEU A 118 -3.09 3.53 -9.18
CA LEU A 118 -3.64 4.10 -10.43
C LEU A 118 -4.96 4.76 -10.16
N ASN A 119 -4.96 6.08 -10.31
CA ASN A 119 -6.22 6.85 -10.14
C ASN A 119 -7.13 6.74 -11.37
N ILE A 120 -8.42 7.09 -11.20
CA ILE A 120 -9.40 7.10 -12.26
C ILE A 120 -8.91 7.80 -13.54
N GLY A 121 -9.13 7.16 -14.70
CA GLY A 121 -8.75 7.72 -15.99
C GLY A 121 -7.35 7.36 -16.42
N ALA A 122 -6.54 6.83 -15.50
CA ALA A 122 -5.14 6.51 -15.86
C ALA A 122 -5.13 5.49 -17.01
N VAL A 123 -4.14 5.61 -17.89
CA VAL A 123 -4.01 4.73 -19.05
C VAL A 123 -2.60 4.16 -19.07
N VAL A 124 -2.51 2.84 -19.10
CA VAL A 124 -1.22 2.11 -19.16
C VAL A 124 -1.13 1.32 -20.47
N GLY A 125 -0.17 1.66 -21.32
CA GLY A 125 -0.06 1.00 -22.63
C GLY A 125 0.43 -0.43 -22.55
N ALA A 126 0.38 -1.12 -23.69
CA ALA A 126 0.75 -2.53 -23.77
C ALA A 126 2.23 -2.74 -23.41
N GLY A 127 2.52 -3.78 -22.64
CA GLY A 127 3.91 -4.14 -22.32
C GLY A 127 4.61 -3.19 -21.36
N THR A 128 3.89 -2.21 -20.83
CA THR A 128 4.45 -1.24 -19.88
C THR A 128 4.51 -1.72 -18.41
N MSE A 129 5.65 -1.46 -17.72
CA MSE A 129 5.71 -1.69 -16.27
C MSE A 129 5.53 -0.42 -15.45
O MSE A 129 6.24 0.58 -15.66
CB MSE A 129 6.99 -2.41 -15.82
CG MSE A 129 6.86 -3.01 -14.37
SE MSE A 129 8.60 -3.55 -13.71
CE MSE A 129 9.57 -3.96 -15.36
N ILE A 130 4.60 -0.49 -14.52
CA ILE A 130 4.42 0.50 -13.49
C ILE A 130 5.01 -0.12 -12.23
N ASP A 131 6.18 0.39 -11.84
CA ASP A 131 6.93 -0.29 -10.78
C ASP A 131 6.41 0.04 -9.36
N MSE A 132 7.01 -0.64 -8.38
CA MSE A 132 6.49 -0.70 -7.00
C MSE A 132 6.25 0.69 -6.43
O MSE A 132 7.13 1.54 -6.46
CB MSE A 132 7.48 -1.45 -6.10
CG MSE A 132 7.63 -2.93 -6.45
SE MSE A 132 9.17 -3.74 -5.60
CE MSE A 132 10.53 -2.79 -6.63
N GLY A 133 5.07 0.92 -5.86
CA GLY A 133 4.83 2.20 -5.15
C GLY A 133 4.67 3.43 -6.08
N ALA A 134 4.69 3.21 -7.41
CA ALA A 134 4.47 4.33 -8.35
C ALA A 134 3.02 4.82 -8.31
N VAL A 135 2.84 6.07 -8.71
CA VAL A 135 1.54 6.72 -8.65
C VAL A 135 1.21 7.36 -9.98
N LEU A 136 0.07 6.92 -10.55
CA LEU A 136 -0.47 7.56 -11.74
C LEU A 136 -1.69 8.34 -11.37
N GLY A 137 -1.57 9.66 -11.52
CA GLY A 137 -2.69 10.52 -11.13
C GLY A 137 -3.83 10.45 -12.12
N GLY A 138 -4.91 11.18 -11.83
CA GLY A 138 -6.07 11.22 -12.71
C GLY A 138 -5.69 11.51 -14.15
N ARG A 139 -6.19 10.66 -15.04
CA ARG A 139 -5.98 10.76 -16.50
C ARG A 139 -4.52 10.64 -16.97
N ALA A 140 -3.57 10.34 -16.08
CA ALA A 140 -2.16 10.22 -16.52
C ALA A 140 -2.04 9.08 -17.58
N THR A 141 -1.40 9.40 -18.69
CA THR A 141 -1.41 8.47 -19.82
C THR A 141 0.00 7.96 -20.16
N VAL A 142 0.19 6.66 -20.05
CA VAL A 142 1.48 6.06 -20.34
C VAL A 142 1.41 5.19 -21.61
N GLY A 143 2.36 5.39 -22.52
CA GLY A 143 2.43 4.67 -23.81
C GLY A 143 2.85 3.21 -23.64
N LYS A 144 3.31 2.59 -24.73
CA LYS A 144 3.69 1.16 -24.70
C LYS A 144 5.19 0.94 -24.41
N HIS A 145 5.46 -0.17 -23.76
CA HIS A 145 6.81 -0.63 -23.47
C HIS A 145 7.62 0.39 -22.70
N CYS A 146 6.92 1.17 -21.89
CA CYS A 146 7.51 2.06 -20.90
C CYS A 146 7.87 1.39 -19.58
N HIS A 147 8.77 2.04 -18.84
CA HIS A 147 9.10 1.64 -17.48
C HIS A 147 9.03 2.85 -16.51
N ILE A 148 8.00 2.84 -15.67
CA ILE A 148 7.78 3.90 -14.73
C ILE A 148 8.34 3.43 -13.39
N GLY A 149 9.48 4.01 -12.99
CA GLY A 149 10.26 3.54 -11.84
C GLY A 149 9.52 3.55 -10.50
N ALA A 150 10.03 2.75 -9.56
CA ALA A 150 9.44 2.62 -8.24
C ALA A 150 9.23 4.01 -7.60
N GLY A 151 8.04 4.30 -7.08
CA GLY A 151 7.83 5.55 -6.32
C GLY A 151 7.60 6.81 -7.15
N THR A 152 7.73 6.70 -8.48
CA THR A 152 7.55 7.86 -9.35
C THR A 152 6.09 8.34 -9.31
N VAL A 153 5.89 9.66 -9.37
CA VAL A 153 4.54 10.23 -9.40
C VAL A 153 4.31 10.93 -10.77
N LEU A 154 3.27 10.48 -11.47
CA LEU A 154 2.79 11.24 -12.61
C LEU A 154 1.58 12.01 -12.11
N ALA A 155 1.73 13.34 -12.05
CA ALA A 155 0.70 14.23 -11.48
C ALA A 155 -0.66 14.05 -12.16
N GLY A 156 -1.71 14.15 -11.37
CA GLY A 156 -3.06 13.97 -11.89
C GLY A 156 -3.71 15.24 -12.40
N VAL A 157 -4.62 15.07 -13.35
CA VAL A 157 -5.40 16.15 -13.93
C VAL A 157 -6.85 15.66 -14.11
N ILE A 158 -7.70 15.87 -13.13
CA ILE A 158 -9.14 15.59 -13.31
C ILE A 158 -9.92 16.83 -13.81
N GLU A 159 -9.88 17.91 -13.03
CA GLU A 159 -10.45 19.19 -13.45
C GLU A 159 -9.33 20.22 -13.73
N PRO A 160 -9.51 21.12 -14.71
CA PRO A 160 -10.64 21.20 -15.61
C PRO A 160 -10.48 20.13 -16.71
N PRO A 161 -11.61 19.62 -17.24
CA PRO A 161 -11.57 18.50 -18.22
C PRO A 161 -10.85 18.87 -19.53
N SER A 162 -10.74 20.17 -19.83
CA SER A 162 -10.05 20.65 -21.03
C SER A 162 -8.51 20.61 -20.91
N ALA A 163 -8.02 20.35 -19.70
CA ALA A 163 -6.62 20.35 -19.39
C ALA A 163 -6.00 19.07 -19.92
N ALA A 164 -4.75 19.18 -20.38
CA ALA A 164 -3.97 18.04 -20.83
C ALA A 164 -3.42 17.28 -19.63
N PRO A 165 -3.53 15.93 -19.67
CA PRO A 165 -2.93 15.15 -18.60
C PRO A 165 -1.44 14.95 -18.85
N VAL A 166 -0.75 14.31 -17.92
CA VAL A 166 0.62 13.87 -18.21
C VAL A 166 0.54 12.85 -19.34
N VAL A 167 1.41 12.97 -20.32
CA VAL A 167 1.46 11.98 -21.42
C VAL A 167 2.90 11.47 -21.57
N ILE A 168 3.07 10.18 -21.30
CA ILE A 168 4.38 9.51 -21.42
C ILE A 168 4.35 8.75 -22.72
N GLU A 169 5.15 9.17 -23.68
CA GLU A 169 5.12 8.48 -24.98
C GLU A 169 5.77 7.07 -24.91
N ASN A 170 5.77 6.32 -26.01
CA ASN A 170 6.35 4.97 -26.02
C ASN A 170 7.84 4.88 -25.66
N GLU A 171 8.19 3.72 -25.10
CA GLU A 171 9.59 3.35 -24.83
CA GLU A 171 9.58 3.33 -24.79
C GLU A 171 10.32 4.25 -23.83
N VAL A 172 9.59 4.95 -22.99
CA VAL A 172 10.15 5.83 -21.98
C VAL A 172 10.56 5.03 -20.73
N VAL A 173 11.72 5.38 -20.21
CA VAL A 173 12.17 4.88 -18.92
C VAL A 173 12.21 6.09 -17.93
N ILE A 174 11.53 5.96 -16.82
CA ILE A 174 11.57 7.00 -15.78
C ILE A 174 12.12 6.37 -14.51
N GLY A 175 13.21 6.93 -13.98
CA GLY A 175 13.83 6.47 -12.71
C GLY A 175 12.97 6.50 -11.46
N ALA A 176 13.46 5.89 -10.38
CA ALA A 176 12.81 5.88 -9.07
C ALA A 176 12.51 7.29 -8.53
N ASN A 177 11.35 7.42 -7.90
CA ASN A 177 10.97 8.62 -7.12
C ASN A 177 11.04 9.92 -7.91
N ALA A 178 10.95 9.86 -9.24
CA ALA A 178 10.82 11.06 -10.05
C ALA A 178 9.40 11.68 -9.98
N VAL A 179 9.23 12.90 -10.49
CA VAL A 179 7.89 13.50 -10.60
C VAL A 179 7.70 14.12 -11.98
N VAL A 180 6.55 13.85 -12.61
CA VAL A 180 6.24 14.51 -13.86
C VAL A 180 5.03 15.40 -13.58
N LEU A 181 5.18 16.70 -13.79
CA LEU A 181 4.11 17.64 -13.44
C LEU A 181 2.98 17.61 -14.47
N GLU A 182 1.85 18.21 -14.06
CA GLU A 182 0.58 18.23 -14.82
C GLU A 182 0.75 18.72 -16.25
N GLY A 183 0.23 17.95 -17.20
CA GLY A 183 0.22 18.36 -18.61
C GLY A 183 1.54 18.17 -19.35
N VAL A 184 2.56 17.63 -18.69
CA VAL A 184 3.89 17.48 -19.28
C VAL A 184 3.90 16.24 -20.20
N ARG A 185 4.46 16.43 -21.38
CA ARG A 185 4.68 15.33 -22.32
C ARG A 185 6.15 14.87 -22.34
N VAL A 186 6.35 13.56 -22.16
CA VAL A 186 7.68 12.99 -22.22
C VAL A 186 7.78 12.25 -23.54
N GLY A 187 8.69 12.71 -24.39
CA GLY A 187 8.79 12.15 -25.76
C GLY A 187 9.25 10.70 -25.82
N GLU A 188 8.90 10.04 -26.92
CA GLU A 188 9.27 8.66 -27.21
C GLU A 188 10.76 8.42 -26.97
N GLY A 189 11.05 7.34 -26.27
CA GLY A 189 12.44 6.87 -26.15
C GLY A 189 13.26 7.66 -25.15
N ALA A 190 12.66 8.66 -24.54
CA ALA A 190 13.37 9.51 -23.57
C ALA A 190 13.66 8.85 -22.20
N VAL A 191 14.64 9.38 -21.49
CA VAL A 191 14.98 8.85 -20.18
C VAL A 191 14.94 9.99 -19.18
N VAL A 192 14.21 9.74 -18.11
CA VAL A 192 14.11 10.64 -17.00
C VAL A 192 14.87 10.03 -15.82
N ALA A 193 15.87 10.74 -15.34
CA ALA A 193 16.73 10.23 -14.23
C ALA A 193 15.96 10.07 -12.91
N ALA A 194 16.40 9.15 -12.04
CA ALA A 194 15.88 9.03 -10.67
C ALA A 194 15.82 10.40 -9.99
N GLY A 195 14.73 10.65 -9.27
CA GLY A 195 14.61 11.88 -8.49
C GLY A 195 14.36 13.16 -9.28
N ALA A 196 14.21 13.07 -10.60
CA ALA A 196 14.00 14.29 -11.39
C ALA A 196 12.60 14.87 -11.17
N VAL A 197 12.46 16.18 -11.32
CA VAL A 197 11.15 16.81 -11.36
C VAL A 197 11.03 17.44 -12.72
N VAL A 198 10.15 16.86 -13.53
CA VAL A 198 10.00 17.22 -14.94
C VAL A 198 8.90 18.27 -15.01
N VAL A 199 9.31 19.50 -15.30
CA VAL A 199 8.40 20.67 -15.30
C VAL A 199 7.96 21.14 -16.69
N GLU A 200 8.62 20.65 -17.73
CA GLU A 200 8.23 20.95 -19.11
C GLU A 200 8.49 19.74 -19.98
N ASP A 201 7.97 19.77 -21.21
CA ASP A 201 8.03 18.65 -22.14
C ASP A 201 9.46 18.16 -22.37
N VAL A 202 9.61 16.85 -22.49
CA VAL A 202 10.91 16.23 -22.75
C VAL A 202 10.95 15.83 -24.20
N PRO A 203 11.93 16.37 -24.98
CA PRO A 203 12.01 15.91 -26.37
C PRO A 203 12.32 14.41 -26.48
N ALA A 204 11.81 13.77 -27.55
CA ALA A 204 12.11 12.38 -27.85
C ALA A 204 13.62 12.13 -27.80
N HIS A 205 14.00 10.98 -27.25
CA HIS A 205 15.39 10.50 -27.30
C HIS A 205 16.44 11.41 -26.66
N THR A 206 16.02 12.06 -25.57
CA THR A 206 16.93 12.81 -24.73
C THR A 206 16.86 12.26 -23.31
N VAL A 207 17.93 12.49 -22.55
CA VAL A 207 17.92 12.16 -21.14
C VAL A 207 17.73 13.50 -20.42
N VAL A 208 16.81 13.54 -19.45
CA VAL A 208 16.72 14.69 -18.53
C VAL A 208 16.99 14.28 -17.06
N ALA A 209 17.51 15.21 -16.29
CA ALA A 209 17.85 14.94 -14.89
C ALA A 209 17.80 16.22 -14.07
N GLY A 210 17.47 16.09 -12.78
CA GLY A 210 17.62 17.22 -11.83
C GLY A 210 16.31 17.75 -11.29
N VAL A 211 16.39 18.62 -10.29
CA VAL A 211 15.22 19.24 -9.65
C VAL A 211 15.33 20.77 -9.82
N PRO A 212 14.74 21.33 -10.90
CA PRO A 212 13.93 20.70 -11.95
C PRO A 212 14.77 20.09 -13.09
N ALA A 213 14.21 19.14 -13.83
CA ALA A 213 14.93 18.45 -14.89
C ALA A 213 15.38 19.35 -16.06
N LYS A 214 16.60 19.12 -16.52
CA LYS A 214 17.21 19.82 -17.67
C LYS A 214 17.70 18.72 -18.62
N VAL A 215 17.88 19.06 -19.89
CA VAL A 215 18.44 18.09 -20.81
C VAL A 215 19.88 17.86 -20.42
N ILE A 216 20.27 16.61 -20.22
CA ILE A 216 21.67 16.33 -19.89
C ILE A 216 22.40 15.62 -21.02
N LYS A 217 21.65 15.04 -21.95
CA LYS A 217 22.21 14.22 -23.02
C LYS A 217 21.15 13.93 -24.07
N GLN A 218 21.59 13.87 -25.32
CA GLN A 218 20.77 13.34 -26.41
C GLN A 218 21.36 12.00 -26.81
N ILE A 219 20.51 10.97 -26.76
CA ILE A 219 20.91 9.59 -27.07
C ILE A 219 20.57 9.19 -28.53
N ASP A 220 21.32 8.23 -29.07
CA ASP A 220 21.02 7.67 -30.39
C ASP A 220 20.38 6.27 -30.32
N ASP A 221 19.33 6.17 -29.50
CA ASP A 221 18.48 4.96 -29.33
C ASP A 221 19.12 3.85 -28.48
N ASN B 2 -2.76 16.28 26.41
CA ASN B 2 -2.93 17.37 25.39
C ASN B 2 -1.71 18.31 25.32
N ALA B 3 -1.41 19.01 26.41
CA ALA B 3 -0.04 19.48 26.62
C ALA B 3 0.82 18.21 26.84
N MSE B 4 0.12 17.14 27.21
CA MSE B 4 0.70 15.85 27.49
C MSE B 4 0.69 14.89 26.32
O MSE B 4 1.10 13.75 26.46
CB MSE B 4 -0.10 15.20 28.61
CG MSE B 4 0.77 14.70 29.69
SE MSE B 4 1.50 16.27 30.47
CE MSE B 4 0.06 16.59 31.77
N ASP B 5 0.23 15.34 25.17
CA ASP B 5 -0.02 14.45 24.05
C ASP B 5 1.11 13.52 23.64
N ALA B 6 2.27 14.10 23.39
CA ALA B 6 3.45 13.33 23.01
C ALA B 6 3.83 12.28 24.06
N TYR B 7 3.68 12.61 25.35
CA TYR B 7 3.97 11.70 26.47
C TYR B 7 2.97 10.53 26.49
N GLU B 8 1.71 10.88 26.28
CA GLU B 8 0.62 9.91 26.25
C GLU B 8 0.71 8.95 25.03
N ILE B 9 1.20 9.43 23.90
CA ILE B 9 1.46 8.57 22.70
C ILE B 9 2.51 7.52 23.04
N ILE B 10 3.60 7.95 23.67
CA ILE B 10 4.69 7.02 24.06
C ILE B 10 4.21 6.00 25.11
N GLN B 11 3.48 6.46 26.12
CA GLN B 11 2.81 5.56 27.07
C GLN B 11 1.93 4.52 26.36
N TYR B 12 1.13 4.98 25.40
CA TYR B 12 0.20 4.09 24.69
C TYR B 12 0.96 3.00 23.93
N ILE B 13 2.05 3.38 23.27
CA ILE B 13 2.91 2.42 22.56
C ILE B 13 3.53 1.38 23.50
N GLY B 14 4.03 1.83 24.66
CA GLY B 14 4.69 0.92 25.64
C GLY B 14 3.69 -0.05 26.25
N ASP B 15 2.42 0.35 26.27
CA ASP B 15 1.34 -0.52 26.75
C ASP B 15 0.77 -1.48 25.69
N ALA B 16 0.95 -1.18 24.40
CA ALA B 16 0.38 -2.03 23.34
C ALA B 16 1.07 -3.39 23.33
N LYS B 17 0.27 -4.44 23.19
CA LYS B 17 0.74 -5.81 23.26
C LYS B 17 0.99 -6.30 21.83
N LYS B 18 2.17 -6.86 21.57
CA LYS B 18 2.46 -7.40 20.24
C LYS B 18 1.58 -8.61 19.93
N GLN B 19 1.07 -8.67 18.70
CA GLN B 19 0.22 -9.81 18.28
C GLN B 19 0.44 -10.17 16.83
N THR B 20 0.09 -11.41 16.49
CA THR B 20 0.18 -11.93 15.12
C THR B 20 -1.21 -12.44 14.83
N LEU B 21 -2.09 -11.53 14.41
CA LEU B 21 -3.50 -11.87 14.30
C LEU B 21 -3.72 -12.64 13.00
N VAL B 22 -4.54 -13.69 13.10
CA VAL B 22 -4.87 -14.57 12.00
C VAL B 22 -6.38 -14.70 11.87
N LYS B 23 -6.86 -14.96 10.65
CA LYS B 23 -8.22 -15.43 10.42
C LYS B 23 -8.08 -16.79 9.75
N VAL B 24 -8.72 -17.79 10.35
CA VAL B 24 -8.64 -19.18 9.90
C VAL B 24 -10.01 -19.69 9.47
N THR B 25 -10.11 -20.14 8.21
CA THR B 25 -11.25 -20.91 7.73
C THR B 25 -10.87 -22.38 7.85
N LEU B 26 -11.68 -23.15 8.57
CA LEU B 26 -11.46 -24.59 8.71
C LEU B 26 -12.72 -25.46 8.52
N LYS B 27 -12.51 -26.76 8.32
CA LYS B 27 -13.57 -27.75 8.29
C LYS B 27 -13.11 -29.02 8.97
N GLY B 28 -14.07 -29.76 9.53
CA GLY B 28 -13.79 -31.02 10.19
C GLY B 28 -14.94 -31.46 11.06
N GLN B 29 -14.61 -32.29 12.05
CA GLN B 29 -15.59 -32.77 13.01
C GLN B 29 -15.56 -31.81 14.21
N LEU B 30 -16.17 -30.63 14.02
CA LEU B 30 -15.97 -29.49 14.91
C LEU B 30 -16.79 -29.53 16.20
N LYS B 31 -17.84 -30.36 16.22
CA LYS B 31 -18.67 -30.57 17.40
C LYS B 31 -17.88 -31.34 18.46
N GLU B 32 -16.80 -32.00 18.03
CA GLU B 32 -15.93 -32.81 18.89
C GLU B 32 -14.72 -32.02 19.45
N VAL B 33 -14.56 -30.80 18.94
CA VAL B 33 -13.44 -29.91 19.27
C VAL B 33 -13.79 -28.97 20.43
N THR B 34 -12.84 -28.76 21.33
CA THR B 34 -12.95 -27.74 22.39
C THR B 34 -12.07 -26.53 22.05
N PHE B 35 -12.71 -25.42 21.70
CA PHE B 35 -12.01 -24.19 21.33
C PHE B 35 -11.74 -23.37 22.59
N PRO B 36 -10.47 -22.93 22.80
CA PRO B 36 -10.13 -22.23 24.03
C PRO B 36 -10.64 -20.80 23.97
N GLU B 37 -10.67 -20.13 25.12
CA GLU B 37 -11.32 -18.83 25.24
C GLU B 37 -10.49 -17.69 24.69
N THR B 38 -9.32 -18.03 24.19
CA THR B 38 -8.37 -17.08 23.62
C THR B 38 -8.64 -16.85 22.13
N ILE B 39 -9.49 -17.71 21.54
CA ILE B 39 -9.83 -17.65 20.11
C ILE B 39 -11.29 -17.24 19.95
N LYS B 40 -11.56 -16.25 19.07
CA LYS B 40 -12.94 -15.93 18.71
C LYS B 40 -13.41 -16.91 17.64
N VAL B 41 -14.50 -17.62 17.92
CA VAL B 41 -14.90 -18.74 17.06
C VAL B 41 -16.33 -18.61 16.49
N PHE B 42 -16.45 -18.75 15.17
CA PHE B 42 -17.76 -18.80 14.51
C PHE B 42 -17.88 -20.12 13.73
N ASN B 43 -18.53 -21.11 14.33
CA ASN B 43 -18.59 -22.44 13.73
C ASN B 43 -19.95 -23.11 13.87
N ASN B 44 -20.26 -23.95 12.88
CA ASN B 44 -21.32 -24.96 13.00
C ASN B 44 -20.61 -26.30 13.21
N CYS B 45 -21.31 -27.40 13.05
CA CYS B 45 -20.69 -28.72 13.25
C CYS B 45 -19.67 -29.10 12.16
N LYS B 46 -19.83 -28.53 10.95
CA LYS B 46 -18.98 -28.86 9.81
C LYS B 46 -17.80 -27.86 9.61
N THR B 47 -18.14 -26.59 9.44
CA THR B 47 -17.17 -25.54 9.09
C THR B 47 -17.18 -24.42 10.13
N GLY B 48 -16.10 -23.63 10.15
CA GLY B 48 -15.94 -22.52 11.07
C GLY B 48 -14.97 -21.45 10.59
N THR B 49 -14.98 -20.31 11.28
CA THR B 49 -14.03 -19.19 11.11
C THR B 49 -13.47 -18.86 12.49
N LEU B 50 -12.15 -18.72 12.61
CA LEU B 50 -11.52 -18.38 13.89
C LEU B 50 -10.72 -17.09 13.75
N PHE B 51 -10.76 -16.26 14.80
CA PHE B 51 -9.98 -15.03 14.84
C PHE B 51 -9.15 -15.10 16.11
N GLY B 52 -7.84 -14.86 16.00
CA GLY B 52 -7.00 -14.94 17.17
C GLY B 52 -5.54 -14.71 16.89
N ASP B 53 -4.74 -14.69 17.95
CA ASP B 53 -3.30 -14.56 17.87
C ASP B 53 -2.70 -15.92 17.47
N TRP B 54 -1.74 -15.88 16.54
CA TRP B 54 -1.06 -17.07 16.06
C TRP B 54 -0.47 -17.91 17.21
N ALA B 55 0.01 -17.24 18.28
CA ALA B 55 0.55 -17.94 19.47
C ALA B 55 -0.46 -18.85 20.15
N ASP B 56 -1.75 -18.59 19.92
CA ASP B 56 -2.84 -19.40 20.49
C ASP B 56 -3.42 -20.36 19.46
N VAL B 57 -3.49 -19.91 18.20
CA VAL B 57 -4.09 -20.65 17.09
C VAL B 57 -3.17 -21.78 16.62
N LYS B 58 -1.87 -21.51 16.55
CA LYS B 58 -0.86 -22.52 16.13
C LYS B 58 -0.85 -23.83 16.99
N PRO B 59 -0.77 -23.73 18.34
CA PRO B 59 -0.84 -24.97 19.13
C PRO B 59 -2.24 -25.60 19.19
N PHE B 60 -3.27 -24.77 19.08
CA PHE B 60 -4.64 -25.25 18.92
C PHE B 60 -4.85 -26.11 17.65
N LEU B 61 -4.31 -25.66 16.52
CA LEU B 61 -4.39 -26.43 15.27
C LEU B 61 -3.66 -27.77 15.37
N GLU B 62 -2.48 -27.75 15.98
CA GLU B 62 -1.68 -28.96 16.20
C GLU B 62 -2.39 -29.92 17.15
N ALA B 63 -2.90 -29.41 18.27
CA ALA B 63 -3.62 -30.25 19.23
C ALA B 63 -4.84 -30.92 18.60
N ASN B 64 -5.48 -30.25 17.64
CA ASN B 64 -6.72 -30.77 17.04
C ASN B 64 -6.58 -31.30 15.60
N LYS B 65 -5.36 -31.65 15.19
CA LYS B 65 -5.10 -32.03 13.79
C LYS B 65 -5.89 -33.25 13.29
N GLU B 66 -6.25 -34.14 14.20
CA GLU B 66 -6.97 -35.37 13.85
C GLU B 66 -8.46 -35.15 13.58
N LYS B 67 -8.97 -33.99 14.01
CA LYS B 67 -10.37 -33.61 13.84
C LYS B 67 -10.55 -32.62 12.69
N ILE B 68 -9.52 -31.82 12.44
CA ILE B 68 -9.57 -30.76 11.44
C ILE B 68 -9.10 -31.33 10.11
N GLU B 69 -9.99 -31.29 9.11
CA GLU B 69 -9.70 -31.91 7.82
C GLU B 69 -8.78 -31.01 6.99
N ASP B 70 -9.09 -29.71 6.98
CA ASP B 70 -8.36 -28.77 6.18
C ASP B 70 -8.62 -27.34 6.69
N TYR B 71 -7.67 -26.45 6.45
CA TYR B 71 -7.85 -25.06 6.83
C TYR B 71 -7.01 -24.12 5.98
N VAL B 72 -7.33 -22.84 6.08
CA VAL B 72 -6.62 -21.77 5.39
C VAL B 72 -6.45 -20.69 6.45
N VAL B 73 -5.22 -20.16 6.56
CA VAL B 73 -4.89 -19.12 7.52
C VAL B 73 -4.60 -17.84 6.74
N GLU B 74 -5.25 -16.76 7.13
CA GLU B 74 -4.98 -15.44 6.56
C GLU B 74 -4.28 -14.58 7.62
N ASN B 75 -3.26 -13.85 7.17
CA ASN B 75 -2.44 -13.06 8.06
C ASN B 75 -1.78 -11.93 7.28
N ASP B 76 -1.62 -10.82 7.99
CA ASP B 76 -1.37 -9.50 7.47
C ASP B 76 -0.10 -8.94 8.15
N ALA B 77 0.16 -9.37 9.37
CA ALA B 77 1.16 -8.72 10.21
C ALA B 77 1.81 -9.65 11.21
N ARG B 78 3.02 -9.29 11.63
CA ARG B 78 3.78 -10.14 12.56
C ARG B 78 4.28 -9.30 13.74
N ASN B 79 3.98 -9.72 14.97
CA ASN B 79 4.48 -9.02 16.16
C ASN B 79 4.12 -7.49 16.15
N SER B 80 2.96 -7.16 15.58
CA SER B 80 2.45 -5.80 15.50
C SER B 80 1.67 -5.45 16.78
N ALA B 81 2.04 -4.34 17.43
CA ALA B 81 1.39 -3.93 18.69
C ALA B 81 0.37 -2.80 18.50
N ILE B 82 0.67 -1.84 17.64
CA ILE B 82 -0.18 -0.66 17.54
C ILE B 82 -1.42 -0.96 16.67
N PRO B 83 -2.63 -0.87 17.28
CA PRO B 83 -3.86 -1.12 16.54
C PRO B 83 -4.05 -0.09 15.43
N PHE B 84 -4.86 -0.42 14.42
CA PHE B 84 -5.25 0.57 13.43
C PHE B 84 -6.51 1.30 13.87
N LEU B 85 -6.75 2.47 13.26
CA LEU B 85 -7.91 3.32 13.59
C LEU B 85 -9.22 2.78 13.01
N ASP B 86 -10.25 2.76 13.84
CA ASP B 86 -11.59 2.44 13.36
C ASP B 86 -12.08 3.62 12.50
N LEU B 87 -12.36 3.33 11.24
CA LEU B 87 -12.72 4.37 10.29
C LEU B 87 -14.21 4.59 10.20
N LYS B 88 -14.98 3.69 10.81
CA LYS B 88 -16.35 3.49 10.36
C LYS B 88 -17.26 4.66 10.63
N ASP B 89 -17.00 5.37 11.74
CA ASP B 89 -17.83 6.51 12.15
C ASP B 89 -17.20 7.89 11.95
N ILE B 90 -16.08 7.95 11.24
CA ILE B 90 -15.38 9.21 10.98
C ILE B 90 -16.09 10.07 9.92
N ASN B 91 -16.22 11.36 10.23
CA ASN B 91 -16.82 12.37 9.36
C ASN B 91 -15.84 12.89 8.29
N ALA B 92 -15.40 11.98 7.43
CA ALA B 92 -14.36 12.27 6.46
C ALA B 92 -14.32 11.15 5.42
N ARG B 93 -13.43 11.27 4.44
CA ARG B 93 -13.31 10.26 3.38
C ARG B 93 -11.97 9.55 3.46
N ILE B 94 -12.01 8.24 3.66
CA ILE B 94 -10.76 7.45 3.68
C ILE B 94 -10.87 6.39 2.61
N GLU B 95 -9.96 6.42 1.65
CA GLU B 95 -10.04 5.46 0.56
C GLU B 95 -9.36 4.13 0.88
N PRO B 96 -9.74 3.05 0.16
CA PRO B 96 -9.14 1.73 0.43
C PRO B 96 -7.64 1.70 0.21
N GLY B 97 -6.93 1.01 1.10
CA GLY B 97 -5.47 0.93 0.98
C GLY B 97 -4.74 2.01 1.77
N ALA B 98 -5.47 3.03 2.27
CA ALA B 98 -4.87 3.94 3.25
C ALA B 98 -4.57 3.16 4.53
N LEU B 99 -3.41 3.42 5.13
CA LEU B 99 -3.01 2.70 6.36
C LEU B 99 -2.90 3.72 7.49
N ILE B 100 -3.79 3.62 8.48
CA ILE B 100 -3.98 4.70 9.46
C ILE B 100 -3.99 4.09 10.86
N ARG B 101 -3.01 4.48 11.66
CA ARG B 101 -2.79 3.88 12.98
C ARG B 101 -3.77 4.51 13.97
N GLU B 102 -3.99 3.86 15.11
CA GLU B 102 -4.71 4.48 16.23
C GLU B 102 -4.11 5.83 16.65
N LYS B 103 -4.91 6.67 17.32
CA LYS B 103 -4.53 8.00 17.87
C LYS B 103 -4.11 8.96 16.77
N VAL B 104 -4.74 8.79 15.62
CA VAL B 104 -4.57 9.72 14.51
C VAL B 104 -5.85 10.53 14.49
N GLU B 105 -5.75 11.83 14.25
CA GLU B 105 -6.91 12.70 14.27
C GLU B 105 -7.22 13.16 12.85
N ILE B 106 -8.42 12.85 12.40
CA ILE B 106 -8.86 13.20 11.07
C ILE B 106 -10.08 14.15 11.16
N GLY B 107 -9.88 15.39 10.72
CA GLY B 107 -10.93 16.44 10.88
C GLY B 107 -12.03 16.32 9.84
N ASP B 108 -13.06 17.16 9.96
CA ASP B 108 -14.28 17.02 9.18
C ASP B 108 -14.06 17.25 7.69
N GLN B 109 -14.55 16.31 6.89
CA GLN B 109 -14.40 16.32 5.43
C GLN B 109 -12.95 16.38 4.97
N ALA B 110 -12.06 15.78 5.76
CA ALA B 110 -10.73 15.53 5.26
C ALA B 110 -10.85 14.38 4.24
N VAL B 111 -9.88 14.31 3.34
CA VAL B 111 -9.77 13.23 2.38
C VAL B 111 -8.42 12.50 2.53
N ILE B 112 -8.51 11.21 2.80
CA ILE B 112 -7.29 10.36 2.86
C ILE B 112 -7.28 9.38 1.68
N MSE B 113 -6.41 9.66 0.72
CA MSE B 113 -6.37 8.92 -0.54
C MSE B 113 -5.73 7.55 -0.39
O MSE B 113 -5.06 7.28 0.60
CB MSE B 113 -5.63 9.74 -1.62
CG MSE B 113 -6.41 10.96 -2.06
SE MSE B 113 -8.10 10.59 -2.96
CE MSE B 113 -7.37 10.02 -4.69
N MSE B 114 -5.91 6.72 -1.41
CA MSE B 114 -5.43 5.34 -1.45
C MSE B 114 -3.94 5.29 -1.16
O MSE B 114 -3.18 6.11 -1.64
CB MSE B 114 -5.64 4.77 -2.86
CG MSE B 114 -7.08 4.51 -3.25
SE MSE B 114 -7.85 6.10 -4.09
CE MSE B 114 -6.83 6.00 -5.77
N GLY B 115 -3.52 4.34 -0.34
CA GLY B 115 -2.08 4.15 -0.09
C GLY B 115 -1.38 5.18 0.78
N ALA B 116 -2.04 6.29 1.19
CA ALA B 116 -1.47 7.19 2.21
C ALA B 116 -1.22 6.45 3.49
N ILE B 117 -0.24 6.93 4.25
CA ILE B 117 0.16 6.27 5.49
C ILE B 117 0.17 7.29 6.64
N LEU B 118 -0.66 7.05 7.65
CA LEU B 118 -0.71 7.98 8.80
C LEU B 118 -0.23 7.30 10.08
N ASN B 119 0.93 7.72 10.56
CA ASN B 119 1.44 7.15 11.83
C ASN B 119 0.76 7.74 13.06
N ILE B 120 0.91 7.05 14.20
CA ILE B 120 0.32 7.43 15.47
C ILE B 120 0.61 8.90 15.80
N GLY B 121 -0.44 9.62 16.19
CA GLY B 121 -0.26 10.98 16.63
C GLY B 121 -0.52 11.96 15.52
N ALA B 122 -0.59 11.49 14.26
CA ALA B 122 -0.80 12.39 13.12
C ALA B 122 -2.15 13.11 13.26
N VAL B 123 -2.16 14.36 12.83
CA VAL B 123 -3.37 15.17 12.89
C VAL B 123 -3.62 15.73 11.48
N VAL B 124 -4.83 15.50 10.97
CA VAL B 124 -5.23 16.08 9.70
C VAL B 124 -6.43 17.00 9.96
N GLY B 125 -6.27 18.27 9.61
CA GLY B 125 -7.32 19.29 9.82
C GLY B 125 -8.49 19.22 8.86
N ALA B 126 -9.56 19.95 9.18
CA ALA B 126 -10.78 19.97 8.36
C ALA B 126 -10.52 20.32 6.87
N GLY B 127 -11.15 19.55 5.96
CA GLY B 127 -11.08 19.81 4.51
C GLY B 127 -9.70 19.62 3.85
N THR B 128 -8.78 18.97 4.55
CA THR B 128 -7.43 18.76 4.07
C THR B 128 -7.38 17.47 3.23
N MSE B 129 -6.69 17.51 2.08
CA MSE B 129 -6.39 16.27 1.38
C MSE B 129 -4.97 15.75 1.61
O MSE B 129 -3.99 16.46 1.44
CB MSE B 129 -6.70 16.31 -0.12
CG MSE B 129 -6.46 14.90 -0.78
SE MSE B 129 -6.63 14.95 -2.66
CE MSE B 129 -8.56 14.69 -2.79
N ILE B 130 -4.89 14.48 1.99
CA ILE B 130 -3.66 13.75 2.02
C ILE B 130 -3.68 12.82 0.80
N ASP B 131 -2.83 13.12 -0.18
CA ASP B 131 -2.91 12.50 -1.51
C ASP B 131 -2.22 11.13 -1.52
N MSE B 132 -2.40 10.40 -2.62
CA MSE B 132 -2.00 9.00 -2.76
C MSE B 132 -0.54 8.76 -2.37
O MSE B 132 0.36 9.47 -2.84
CB MSE B 132 -2.21 8.55 -4.22
CG MSE B 132 -3.66 8.60 -4.71
SE MSE B 132 -3.82 8.47 -6.62
CE MSE B 132 -3.03 10.17 -7.19
N GLY B 133 -0.29 7.76 -1.57
CA GLY B 133 1.11 7.35 -1.29
C GLY B 133 1.84 8.27 -0.30
N ALA B 134 1.20 9.37 0.12
CA ALA B 134 1.80 10.30 1.11
C ALA B 134 1.99 9.65 2.47
N VAL B 135 2.99 10.15 3.17
CA VAL B 135 3.33 9.61 4.51
C VAL B 135 3.36 10.72 5.60
N LEU B 136 2.49 10.59 6.61
CA LEU B 136 2.56 11.49 7.77
C LEU B 136 3.22 10.75 8.91
N GLY B 137 4.43 11.21 9.25
CA GLY B 137 5.20 10.59 10.33
C GLY B 137 4.55 10.78 11.68
N GLY B 138 5.08 10.14 12.71
CA GLY B 138 4.52 10.28 14.07
C GLY B 138 4.33 11.74 14.47
N ARG B 139 3.16 12.04 15.01
CA ARG B 139 2.79 13.45 15.43
C ARG B 139 2.77 14.55 14.34
N ALA B 140 2.94 14.20 13.06
CA ALA B 140 2.86 15.22 11.96
C ALA B 140 1.50 15.92 11.99
N THR B 141 1.52 17.24 11.97
CA THR B 141 0.30 18.04 12.17
C THR B 141 0.02 18.90 10.94
N VAL B 142 -1.10 18.60 10.27
CA VAL B 142 -1.51 19.36 9.09
C VAL B 142 -2.81 20.14 9.42
N GLY B 143 -2.82 21.41 9.03
CA GLY B 143 -3.95 22.31 9.24
C GLY B 143 -5.11 22.10 8.28
N LYS B 144 -5.98 23.09 8.24
CA LYS B 144 -7.23 23.03 7.45
C LYS B 144 -6.99 23.42 5.99
N HIS B 145 -7.66 22.71 5.08
CA HIS B 145 -7.67 23.03 3.64
C HIS B 145 -6.29 23.00 3.03
N CYS B 146 -5.49 22.03 3.49
CA CYS B 146 -4.18 21.81 2.90
C CYS B 146 -4.28 20.75 1.83
N HIS B 147 -3.30 20.74 0.96
CA HIS B 147 -3.09 19.64 0.01
C HIS B 147 -1.67 19.08 0.15
N ILE B 148 -1.59 17.86 0.67
CA ILE B 148 -0.34 17.18 0.82
C ILE B 148 -0.17 16.25 -0.40
N GLY B 149 0.70 16.62 -1.35
CA GLY B 149 0.78 15.92 -2.65
C GLY B 149 1.20 14.45 -2.56
N ALA B 150 0.89 13.69 -3.62
CA ALA B 150 1.20 12.26 -3.70
C ALA B 150 2.66 11.98 -3.38
N GLY B 151 2.91 10.94 -2.57
CA GLY B 151 4.32 10.56 -2.25
C GLY B 151 5.10 11.43 -1.26
N THR B 152 4.51 12.55 -0.84
CA THR B 152 5.15 13.43 0.15
C THR B 152 5.32 12.78 1.53
N VAL B 153 6.51 12.99 2.08
CA VAL B 153 6.83 12.53 3.43
C VAL B 153 6.89 13.74 4.37
N LEU B 154 6.04 13.71 5.39
CA LEU B 154 6.17 14.66 6.48
C LEU B 154 6.86 13.91 7.61
N ALA B 155 8.11 14.27 7.89
CA ALA B 155 8.90 13.47 8.86
C ALA B 155 8.28 13.30 10.27
N GLY B 156 8.53 12.14 10.84
CA GLY B 156 7.93 11.79 12.12
C GLY B 156 8.78 12.18 13.30
N VAL B 157 8.09 12.45 14.42
CA VAL B 157 8.75 12.80 15.68
C VAL B 157 7.94 12.14 16.82
N ILE B 158 8.32 10.92 17.22
CA ILE B 158 7.68 10.33 18.43
C ILE B 158 8.50 10.66 19.67
N GLU B 159 9.81 10.33 19.64
CA GLU B 159 10.75 10.66 20.70
C GLU B 159 11.75 11.71 20.18
N PRO B 160 12.23 12.61 21.05
CA PRO B 160 11.77 12.79 22.42
C PRO B 160 10.43 13.52 22.42
N PRO B 161 9.57 13.30 23.44
CA PRO B 161 8.23 13.91 23.39
C PRO B 161 8.27 15.44 23.44
N SER B 162 9.40 16.01 23.86
CA SER B 162 9.54 17.47 23.96
C SER B 162 9.85 18.11 22.60
N ALA B 163 10.17 17.28 21.61
CA ALA B 163 10.52 17.76 20.29
C ALA B 163 9.25 18.18 19.57
N ALA B 164 9.38 19.22 18.75
CA ALA B 164 8.30 19.72 17.92
C ALA B 164 8.12 18.80 16.72
N PRO B 165 6.86 18.49 16.36
CA PRO B 165 6.60 17.75 15.14
C PRO B 165 6.62 18.69 13.93
N VAL B 166 6.54 18.11 12.74
CA VAL B 166 6.26 18.86 11.51
C VAL B 166 4.92 19.56 11.72
N VAL B 167 4.86 20.86 11.47
CA VAL B 167 3.57 21.55 11.53
C VAL B 167 3.28 22.25 10.21
N ILE B 168 2.19 21.81 9.59
CA ILE B 168 1.76 22.46 8.36
C ILE B 168 0.53 23.34 8.66
N GLU B 169 0.67 24.66 8.50
CA GLU B 169 -0.42 25.58 8.81
C GLU B 169 -1.48 25.52 7.71
N ASN B 170 -2.59 26.24 7.87
CA ASN B 170 -3.71 26.19 6.92
C ASN B 170 -3.37 26.59 5.49
N GLU B 171 -4.10 25.98 4.54
CA GLU B 171 -4.10 26.39 3.11
C GLU B 171 -2.76 26.21 2.40
N VAL B 172 -1.94 25.31 2.93
CA VAL B 172 -0.66 24.97 2.33
C VAL B 172 -0.86 23.93 1.22
N VAL B 173 -0.12 24.11 0.13
CA VAL B 173 -0.03 23.12 -0.92
C VAL B 173 1.39 22.55 -0.98
N ILE B 174 1.53 21.24 -0.82
CA ILE B 174 2.85 20.62 -1.00
C ILE B 174 2.81 19.69 -2.19
N GLY B 175 3.74 19.90 -3.13
CA GLY B 175 3.86 19.08 -4.33
C GLY B 175 4.23 17.61 -4.06
N ALA B 176 4.17 16.81 -5.13
CA ALA B 176 4.48 15.38 -5.10
C ALA B 176 5.91 15.07 -4.71
N ASN B 177 6.05 14.00 -3.93
CA ASN B 177 7.37 13.43 -3.57
C ASN B 177 8.32 14.41 -2.88
N ALA B 178 7.77 15.44 -2.25
CA ALA B 178 8.52 16.32 -1.35
C ALA B 178 8.77 15.70 0.03
N VAL B 179 9.67 16.32 0.77
CA VAL B 179 9.95 15.91 2.15
C VAL B 179 9.99 17.14 3.05
N VAL B 180 9.29 17.08 4.18
CA VAL B 180 9.42 18.12 5.21
C VAL B 180 10.10 17.47 6.42
N LEU B 181 11.27 17.98 6.77
CA LEU B 181 12.07 17.37 7.84
C LEU B 181 11.51 17.67 9.23
N GLU B 182 12.01 16.90 10.21
CA GLU B 182 11.53 16.91 11.61
C GLU B 182 11.49 18.32 12.18
N GLY B 183 10.36 18.69 12.78
CA GLY B 183 10.25 19.97 13.50
C GLY B 183 9.99 21.19 12.63
N VAL B 184 9.99 21.02 11.32
CA VAL B 184 9.80 22.16 10.39
C VAL B 184 8.34 22.64 10.36
N ARG B 185 8.19 23.95 10.38
CA ARG B 185 6.90 24.59 10.29
C ARG B 185 6.74 25.25 8.93
N VAL B 186 5.65 24.91 8.26
CA VAL B 186 5.35 25.52 6.98
C VAL B 186 4.21 26.50 7.20
N GLY B 187 4.48 27.76 6.88
CA GLY B 187 3.53 28.86 7.11
C GLY B 187 2.27 28.83 6.26
N GLU B 188 1.23 29.50 6.76
CA GLU B 188 -0.09 29.58 6.11
C GLU B 188 0.03 29.99 4.65
N GLY B 189 -0.67 29.27 3.78
CA GLY B 189 -0.73 29.70 2.37
C GLY B 189 0.55 29.52 1.58
N ALA B 190 1.54 28.86 2.17
CA ALA B 190 2.78 28.58 1.44
C ALA B 190 2.64 27.47 0.37
N VAL B 191 3.53 27.50 -0.62
CA VAL B 191 3.60 26.39 -1.58
C VAL B 191 4.99 25.79 -1.52
N VAL B 192 5.02 24.47 -1.33
CA VAL B 192 6.24 23.67 -1.49
C VAL B 192 6.22 22.96 -2.86
N ALA B 193 7.23 23.22 -3.70
CA ALA B 193 7.31 22.57 -5.00
C ALA B 193 7.50 21.06 -4.89
N ALA B 194 7.00 20.33 -5.88
CA ALA B 194 7.34 18.92 -6.08
C ALA B 194 8.83 18.65 -5.88
N GLY B 195 9.12 17.55 -5.19
CA GLY B 195 10.51 17.10 -5.06
C GLY B 195 11.38 17.91 -4.09
N ALA B 196 10.83 18.93 -3.43
CA ALA B 196 11.62 19.74 -2.50
C ALA B 196 11.95 19.01 -1.18
N VAL B 197 13.07 19.35 -0.59
CA VAL B 197 13.34 18.86 0.78
C VAL B 197 13.42 20.10 1.66
N VAL B 198 12.43 20.25 2.52
CA VAL B 198 12.28 21.45 3.34
C VAL B 198 13.04 21.21 4.63
N VAL B 199 14.14 21.93 4.80
CA VAL B 199 15.02 21.73 5.96
C VAL B 199 14.81 22.79 7.04
N GLU B 200 14.11 23.88 6.72
CA GLU B 200 13.89 24.94 7.69
C GLU B 200 12.51 25.54 7.51
N ASP B 201 12.03 26.24 8.53
CA ASP B 201 10.72 26.90 8.50
C ASP B 201 10.46 27.66 7.20
N VAL B 202 9.23 27.55 6.70
CA VAL B 202 8.80 28.25 5.49
C VAL B 202 7.90 29.43 5.86
N PRO B 203 8.30 30.68 5.51
CA PRO B 203 7.39 31.80 5.82
C PRO B 203 6.00 31.65 5.16
N ALA B 204 4.97 32.12 5.85
CA ALA B 204 3.62 32.20 5.31
C ALA B 204 3.63 32.85 3.92
N HIS B 205 2.79 32.36 3.01
CA HIS B 205 2.64 32.92 1.66
C HIS B 205 3.94 33.09 0.90
N THR B 206 4.81 32.09 0.99
CA THR B 206 5.98 32.02 0.13
C THR B 206 5.98 30.73 -0.66
N VAL B 207 6.69 30.73 -1.79
CA VAL B 207 6.95 29.49 -2.51
C VAL B 207 8.39 29.07 -2.25
N VAL B 208 8.58 27.82 -1.82
CA VAL B 208 9.95 27.28 -1.70
C VAL B 208 10.18 26.09 -2.64
N ALA B 209 11.40 25.95 -3.15
CA ALA B 209 11.72 24.86 -4.06
C ALA B 209 13.17 24.40 -3.96
N GLY B 210 13.43 23.14 -4.30
CA GLY B 210 14.79 22.64 -4.43
C GLY B 210 15.17 21.64 -3.36
N VAL B 211 16.37 21.08 -3.52
CA VAL B 211 16.95 20.08 -2.60
C VAL B 211 18.31 20.63 -2.18
N PRO B 212 18.41 21.30 -1.02
CA PRO B 212 17.43 21.71 0.00
C PRO B 212 16.54 22.84 -0.54
N ALA B 213 15.35 23.01 0.02
CA ALA B 213 14.42 24.07 -0.41
C ALA B 213 14.84 25.49 -0.02
N LYS B 214 14.59 26.41 -0.93
CA LYS B 214 14.87 27.81 -0.76
C LYS B 214 13.67 28.61 -1.26
N VAL B 215 13.54 29.84 -0.80
CA VAL B 215 12.47 30.72 -1.24
C VAL B 215 12.67 31.12 -2.70
N ILE B 216 11.66 30.89 -3.52
CA ILE B 216 11.76 31.25 -4.94
C ILE B 216 10.80 32.35 -5.35
N LYS B 217 9.81 32.62 -4.48
CA LYS B 217 8.75 33.58 -4.78
C LYS B 217 7.94 33.92 -3.54
N GLN B 218 7.47 35.18 -3.47
CA GLN B 218 6.46 35.55 -2.48
C GLN B 218 5.11 35.66 -3.18
N ILE B 219 4.11 34.94 -2.65
CA ILE B 219 2.82 34.82 -3.31
C ILE B 219 1.71 35.54 -2.57
N ASN C 2 24.05 -19.19 -1.69
CA ASN C 2 25.14 -18.20 -1.41
C ASN C 2 25.63 -17.53 -2.69
N ALA C 3 26.74 -18.01 -3.25
CA ALA C 3 27.31 -17.47 -4.50
C ALA C 3 26.35 -17.69 -5.69
N MSE C 4 25.46 -18.68 -5.54
CA MSE C 4 24.47 -19.01 -6.54
C MSE C 4 23.13 -18.34 -6.33
O MSE C 4 22.22 -18.57 -7.12
CB MSE C 4 24.27 -20.52 -6.55
CG MSE C 4 25.58 -21.22 -6.69
SE MSE C 4 26.00 -20.85 -8.53
CE MSE C 4 25.70 -22.71 -9.08
N ASP C 5 23.01 -17.54 -5.27
CA ASP C 5 21.71 -16.96 -4.89
C ASP C 5 20.97 -16.22 -6.02
N ALA C 6 21.66 -15.35 -6.72
CA ALA C 6 21.04 -14.59 -7.80
C ALA C 6 20.57 -15.47 -8.96
N TYR C 7 21.30 -16.56 -9.24
CA TYR C 7 20.86 -17.57 -10.20
C TYR C 7 19.60 -18.33 -9.73
N GLU C 8 19.60 -18.74 -8.47
CA GLU C 8 18.47 -19.45 -7.87
C GLU C 8 17.19 -18.59 -7.78
N ILE C 9 17.36 -17.26 -7.75
CA ILE C 9 16.20 -16.34 -7.73
C ILE C 9 15.48 -16.32 -9.08
N ILE C 10 16.26 -16.13 -10.13
CA ILE C 10 15.74 -16.14 -11.50
C ILE C 10 15.09 -17.50 -11.82
N GLN C 11 15.71 -18.60 -11.36
CA GLN C 11 15.15 -19.93 -11.54
C GLN C 11 13.80 -20.11 -10.84
N TYR C 12 13.71 -19.64 -9.59
CA TYR C 12 12.46 -19.68 -8.84
C TYR C 12 11.33 -18.89 -9.52
N ILE C 13 11.66 -17.72 -10.06
CA ILE C 13 10.72 -16.89 -10.81
C ILE C 13 10.24 -17.58 -12.11
N GLY C 14 11.15 -18.24 -12.83
CA GLY C 14 10.83 -18.98 -14.06
C GLY C 14 9.92 -20.17 -13.78
N ASP C 15 10.08 -20.76 -12.60
CA ASP C 15 9.24 -21.89 -12.16
C ASP C 15 7.90 -21.49 -11.57
N ALA C 16 7.74 -20.24 -11.16
CA ALA C 16 6.50 -19.77 -10.51
C ALA C 16 5.32 -19.81 -11.49
N LYS C 17 4.15 -20.22 -11.01
CA LYS C 17 2.97 -20.30 -11.85
C LYS C 17 2.05 -19.09 -11.68
N LYS C 18 1.69 -18.45 -12.77
CA LYS C 18 0.78 -17.30 -12.65
C LYS C 18 -0.62 -17.74 -12.19
N GLN C 19 -1.22 -16.97 -11.29
CA GLN C 19 -2.53 -17.29 -10.72
C GLN C 19 -3.36 -16.04 -10.42
N THR C 20 -4.69 -16.22 -10.42
CA THR C 20 -5.67 -15.16 -10.12
C THR C 20 -6.48 -15.70 -8.97
N LEU C 21 -5.91 -15.61 -7.78
CA LEU C 21 -6.52 -16.27 -6.65
C LEU C 21 -7.77 -15.51 -6.25
N VAL C 22 -8.83 -16.23 -5.93
CA VAL C 22 -10.09 -15.63 -5.48
C VAL C 22 -10.58 -16.30 -4.20
N LYS C 23 -11.37 -15.56 -3.42
CA LYS C 23 -12.11 -16.10 -2.28
C LYS C 23 -13.60 -15.87 -2.57
N VAL C 24 -14.36 -16.96 -2.59
CA VAL C 24 -15.77 -16.89 -2.94
C VAL C 24 -16.63 -17.29 -1.75
N THR C 25 -17.51 -16.38 -1.32
CA THR C 25 -18.59 -16.73 -0.38
C THR C 25 -19.88 -16.97 -1.16
N LEU C 26 -20.48 -18.15 -1.00
CA LEU C 26 -21.71 -18.51 -1.73
C LEU C 26 -22.78 -19.25 -0.91
N LYS C 27 -23.99 -19.31 -1.47
CA LYS C 27 -25.09 -20.06 -0.90
C LYS C 27 -25.94 -20.68 -2.02
N GLY C 28 -26.72 -21.70 -1.66
CA GLY C 28 -27.60 -22.39 -2.59
C GLY C 28 -27.85 -23.85 -2.22
N GLN C 29 -28.07 -24.68 -3.24
CA GLN C 29 -28.25 -26.12 -3.05
C GLN C 29 -26.89 -26.79 -3.25
N LEU C 30 -26.07 -26.74 -2.20
CA LEU C 30 -24.64 -27.09 -2.31
C LEU C 30 -24.37 -28.60 -2.16
N LYS C 31 -25.32 -29.31 -1.53
CA LYS C 31 -25.25 -30.77 -1.43
C LYS C 31 -25.47 -31.36 -2.82
N GLU C 32 -26.17 -30.62 -3.68
CA GLU C 32 -26.35 -31.01 -5.09
C GLU C 32 -25.23 -30.50 -6.02
N VAL C 33 -24.23 -29.84 -5.44
CA VAL C 33 -23.10 -29.32 -6.21
C VAL C 33 -21.86 -30.22 -6.04
N THR C 34 -21.21 -30.55 -7.16
CA THR C 34 -19.89 -31.20 -7.13
C THR C 34 -18.80 -30.17 -7.41
N PHE C 35 -17.96 -29.96 -6.42
CA PHE C 35 -16.85 -29.04 -6.58
C PHE C 35 -15.67 -29.85 -7.12
N PRO C 36 -14.87 -29.25 -8.01
CA PRO C 36 -13.72 -29.96 -8.56
C PRO C 36 -12.53 -29.92 -7.61
N GLU C 37 -11.58 -30.82 -7.85
CA GLU C 37 -10.37 -31.00 -7.04
C GLU C 37 -9.53 -29.74 -6.92
N THR C 38 -9.65 -28.88 -7.92
CA THR C 38 -8.81 -27.69 -8.07
C THR C 38 -9.23 -26.53 -7.15
N ILE C 39 -10.34 -26.70 -6.44
CA ILE C 39 -10.91 -25.68 -5.58
C ILE C 39 -10.93 -26.21 -4.14
N LYS C 40 -10.45 -25.42 -3.19
CA LYS C 40 -10.60 -25.74 -1.74
C LYS C 40 -11.97 -25.23 -1.30
N VAL C 41 -12.75 -26.08 -0.65
CA VAL C 41 -14.11 -25.65 -0.33
C VAL C 41 -14.49 -25.97 1.13
N PHE C 42 -15.01 -24.95 1.81
CA PHE C 42 -15.47 -25.05 3.19
C PHE C 42 -16.96 -24.73 3.22
N ASN C 43 -17.77 -25.78 3.12
CA ASN C 43 -19.20 -25.59 2.96
C ASN C 43 -20.09 -26.48 3.83
N ASN C 44 -21.28 -25.96 4.14
CA ASN C 44 -22.40 -26.78 4.59
C ASN C 44 -23.19 -27.14 3.35
N CYS C 45 -24.38 -27.72 3.56
CA CYS C 45 -25.33 -27.90 2.48
C CYS C 45 -25.95 -26.56 2.02
N LYS C 46 -25.83 -25.52 2.88
CA LYS C 46 -26.46 -24.21 2.68
C LYS C 46 -25.53 -23.12 2.12
N THR C 47 -24.46 -22.82 2.86
CA THR C 47 -23.52 -21.78 2.49
C THR C 47 -22.10 -22.38 2.46
N GLY C 48 -21.13 -21.60 1.98
CA GLY C 48 -19.73 -22.04 1.92
C GLY C 48 -18.74 -21.01 1.40
N THR C 49 -17.44 -21.29 1.61
CA THR C 49 -16.32 -20.48 1.14
C THR C 49 -15.39 -21.30 0.23
N LEU C 50 -15.05 -20.75 -0.94
CA LEU C 50 -14.13 -21.39 -1.86
C LEU C 50 -12.86 -20.56 -2.06
N PHE C 51 -11.72 -21.25 -2.13
CA PHE C 51 -10.44 -20.65 -2.48
C PHE C 51 -9.99 -21.37 -3.73
N GLY C 52 -9.57 -20.64 -4.75
CA GLY C 52 -9.11 -21.29 -5.97
C GLY C 52 -8.58 -20.29 -6.97
N ASP C 53 -8.10 -20.78 -8.10
CA ASP C 53 -7.68 -19.93 -9.20
C ASP C 53 -8.94 -19.59 -10.01
N TRP C 54 -9.05 -18.33 -10.45
CA TRP C 54 -10.20 -17.84 -11.22
C TRP C 54 -10.44 -18.70 -12.46
N ALA C 55 -9.37 -19.20 -13.08
CA ALA C 55 -9.48 -20.05 -14.28
C ALA C 55 -10.26 -21.33 -13.98
N ASP C 56 -10.30 -21.73 -12.71
CA ASP C 56 -11.10 -22.90 -12.31
C ASP C 56 -12.46 -22.52 -11.74
N VAL C 57 -12.49 -21.39 -11.03
CA VAL C 57 -13.68 -20.98 -10.30
C VAL C 57 -14.72 -20.37 -11.22
N LYS C 58 -14.29 -19.58 -12.20
CA LYS C 58 -15.22 -19.00 -13.20
C LYS C 58 -16.10 -20.04 -13.97
N PRO C 59 -15.49 -21.03 -14.64
CA PRO C 59 -16.32 -22.03 -15.31
C PRO C 59 -17.13 -22.89 -14.34
N PHE C 60 -16.62 -23.07 -13.12
CA PHE C 60 -17.39 -23.69 -12.05
C PHE C 60 -18.69 -22.92 -11.74
N LEU C 61 -18.59 -21.62 -11.50
CA LEU C 61 -19.76 -20.79 -11.19
C LEU C 61 -20.77 -20.75 -12.34
N GLU C 62 -20.26 -20.76 -13.57
CA GLU C 62 -21.11 -20.85 -14.74
C GLU C 62 -21.79 -22.22 -14.83
N ALA C 63 -21.02 -23.29 -14.64
CA ALA C 63 -21.56 -24.67 -14.68
C ALA C 63 -22.61 -24.97 -13.62
N ASN C 64 -22.59 -24.25 -12.50
CA ASN C 64 -23.51 -24.51 -11.38
C ASN C 64 -24.49 -23.38 -11.08
N LYS C 65 -24.74 -22.51 -12.07
CA LYS C 65 -25.56 -21.31 -11.89
C LYS C 65 -26.98 -21.58 -11.35
N GLU C 66 -27.54 -22.71 -11.76
CA GLU C 66 -28.87 -23.17 -11.32
C GLU C 66 -28.97 -23.38 -9.81
N LYS C 67 -27.88 -23.88 -9.21
CA LYS C 67 -27.87 -24.28 -7.80
C LYS C 67 -27.31 -23.22 -6.88
N ILE C 68 -26.53 -22.29 -7.43
CA ILE C 68 -25.93 -21.20 -6.65
C ILE C 68 -26.87 -20.00 -6.66
N GLU C 69 -27.39 -19.63 -5.49
CA GLU C 69 -28.34 -18.53 -5.39
C GLU C 69 -27.66 -17.16 -5.50
N ASP C 70 -26.63 -16.94 -4.70
CA ASP C 70 -25.90 -15.67 -4.70
C ASP C 70 -24.45 -15.92 -4.30
N TYR C 71 -23.53 -15.06 -4.77
CA TYR C 71 -22.14 -15.15 -4.35
C TYR C 71 -21.40 -13.79 -4.36
N VAL C 72 -20.25 -13.75 -3.68
CA VAL C 72 -19.34 -12.59 -3.67
C VAL C 72 -17.95 -13.13 -4.00
N VAL C 73 -17.23 -12.43 -4.87
CA VAL C 73 -15.85 -12.82 -5.21
C VAL C 73 -14.89 -11.74 -4.69
N GLU C 74 -13.89 -12.16 -3.90
CA GLU C 74 -12.83 -11.29 -3.41
C GLU C 74 -11.53 -11.66 -4.13
N ASN C 75 -10.83 -10.63 -4.62
CA ASN C 75 -9.65 -10.81 -5.44
C ASN C 75 -8.75 -9.59 -5.30
N ASP C 76 -7.43 -9.87 -5.26
CA ASP C 76 -6.40 -8.87 -5.01
C ASP C 76 -5.41 -8.75 -6.16
N ALA C 77 -5.25 -9.83 -6.91
CA ALA C 77 -4.17 -9.85 -7.88
C ALA C 77 -4.57 -10.61 -9.12
N ARG C 78 -3.84 -10.36 -10.20
CA ARG C 78 -4.18 -10.92 -11.50
C ARG C 78 -2.92 -11.42 -12.19
N ASN C 79 -2.92 -12.71 -12.55
CA ASN C 79 -1.78 -13.36 -13.22
C ASN C 79 -0.47 -13.20 -12.43
N SER C 80 -0.59 -13.24 -11.11
CA SER C 80 0.56 -13.05 -10.23
C SER C 80 1.16 -14.42 -9.93
N ALA C 81 2.48 -14.53 -10.10
CA ALA C 81 3.13 -15.83 -10.02
C ALA C 81 3.97 -16.00 -8.75
N ILE C 82 4.63 -14.91 -8.33
CA ILE C 82 5.49 -14.95 -7.15
C ILE C 82 4.68 -14.85 -5.85
N PRO C 83 4.73 -15.91 -5.04
CA PRO C 83 4.06 -15.89 -3.74
C PRO C 83 4.65 -14.86 -2.76
N PHE C 84 3.85 -14.48 -1.80
CA PHE C 84 4.26 -13.61 -0.70
C PHE C 84 4.83 -14.43 0.44
N LEU C 85 5.64 -13.79 1.29
CA LEU C 85 6.37 -14.47 2.34
C LEU C 85 5.45 -14.80 3.52
N ASP C 86 5.52 -16.03 4.02
CA ASP C 86 4.79 -16.38 5.22
C ASP C 86 5.43 -15.62 6.38
N LEU C 87 4.70 -14.67 6.97
CA LEU C 87 5.21 -13.83 8.08
C LEU C 87 5.09 -14.44 9.47
N LYS C 88 4.26 -15.47 9.62
CA LYS C 88 3.75 -15.83 10.96
C LYS C 88 4.79 -16.26 11.99
N ASP C 89 5.89 -16.86 11.52
CA ASP C 89 6.92 -17.38 12.43
C ASP C 89 8.24 -16.59 12.39
N ILE C 90 8.27 -15.46 11.70
CA ILE C 90 9.48 -14.66 11.63
C ILE C 90 9.79 -13.92 12.95
N ASN C 91 11.08 -13.94 13.33
CA ASN C 91 11.53 -13.28 14.57
C ASN C 91 11.80 -11.79 14.34
N ALA C 92 10.77 -11.06 13.94
CA ALA C 92 10.85 -9.65 13.65
C ALA C 92 9.45 -9.00 13.73
N ARG C 93 9.40 -7.69 13.48
CA ARG C 93 8.13 -6.97 13.45
C ARG C 93 7.75 -6.57 12.03
N ILE C 94 6.58 -7.02 11.58
CA ILE C 94 6.10 -6.59 10.24
C ILE C 94 4.72 -6.01 10.37
N GLU C 95 4.56 -4.74 9.96
CA GLU C 95 3.31 -4.04 10.21
C GLU C 95 2.34 -4.29 9.05
N PRO C 96 1.01 -4.13 9.29
CA PRO C 96 0.02 -4.35 8.23
C PRO C 96 0.22 -3.42 7.05
N GLY C 97 -0.05 -3.93 5.85
CA GLY C 97 0.18 -3.18 4.62
C GLY C 97 1.58 -3.29 4.02
N ALA C 98 2.56 -3.85 4.77
CA ALA C 98 3.87 -4.17 4.17
C ALA C 98 3.66 -5.26 3.11
N LEU C 99 4.35 -5.13 1.98
CA LEU C 99 4.15 -6.10 0.88
C LEU C 99 5.46 -6.84 0.68
N ILE C 100 5.52 -8.09 1.13
CA ILE C 100 6.80 -8.82 1.16
C ILE C 100 6.71 -10.13 0.37
N ARG C 101 7.51 -10.20 -0.68
CA ARG C 101 7.49 -11.37 -1.55
C ARG C 101 8.27 -12.54 -0.93
N GLU C 102 8.06 -13.75 -1.44
CA GLU C 102 8.90 -14.91 -1.11
C GLU C 102 10.39 -14.64 -1.33
N LYS C 103 11.22 -15.40 -0.60
CA LYS C 103 12.68 -15.35 -0.71
C LYS C 103 13.26 -14.00 -0.31
N VAL C 104 12.56 -13.35 0.62
CA VAL C 104 13.07 -12.18 1.31
C VAL C 104 13.56 -12.65 2.67
N GLU C 105 14.67 -12.07 3.12
CA GLU C 105 15.34 -12.50 4.35
C GLU C 105 15.26 -11.37 5.36
N ILE C 106 14.57 -11.66 6.46
CA ILE C 106 14.33 -10.63 7.45
C ILE C 106 15.05 -11.01 8.74
N GLY C 107 16.10 -10.26 9.08
CA GLY C 107 16.92 -10.55 10.28
C GLY C 107 16.17 -10.39 11.61
N ASP C 108 16.77 -10.87 12.69
CA ASP C 108 16.19 -10.84 14.02
C ASP C 108 15.95 -9.39 14.45
N GLN C 109 14.73 -9.12 14.90
CA GLN C 109 14.35 -7.83 15.46
C GLN C 109 14.42 -6.72 14.45
N ALA C 110 14.39 -7.07 13.16
CA ALA C 110 14.11 -6.04 12.18
C ALA C 110 12.65 -5.53 12.33
N VAL C 111 12.40 -4.35 11.81
CA VAL C 111 11.08 -3.73 11.77
C VAL C 111 10.76 -3.33 10.34
N ILE C 112 9.69 -3.89 9.81
CA ILE C 112 9.16 -3.50 8.50
C ILE C 112 7.83 -2.72 8.72
N MSE C 113 7.89 -1.42 8.46
CA MSE C 113 6.76 -0.50 8.71
C MSE C 113 5.66 -0.67 7.65
O MSE C 113 5.86 -1.30 6.59
CB MSE C 113 7.27 0.96 8.74
CG MSE C 113 8.10 1.29 10.01
SE MSE C 113 7.10 0.99 11.64
CE MSE C 113 5.99 2.60 11.61
N MSE C 114 4.49 -0.09 7.95
CA MSE C 114 3.33 -0.09 7.04
C MSE C 114 3.69 0.37 5.66
O MSE C 114 4.40 1.38 5.50
CB MSE C 114 2.24 0.87 7.57
CG MSE C 114 1.58 0.43 8.87
SE MSE C 114 2.64 1.02 10.42
CE MSE C 114 2.21 2.94 10.28
N GLY C 115 3.20 -0.35 4.64
CA GLY C 115 3.37 0.10 3.23
C GLY C 115 4.75 -0.07 2.59
N ALA C 116 5.76 -0.50 3.37
CA ALA C 116 7.04 -0.91 2.78
C ALA C 116 6.88 -2.10 1.83
N ILE C 117 7.74 -2.16 0.84
CA ILE C 117 7.63 -3.14 -0.23
C ILE C 117 8.99 -3.79 -0.39
N LEU C 118 9.05 -5.10 -0.10
CA LEU C 118 10.29 -5.87 -0.23
C LEU C 118 10.16 -6.85 -1.37
N ASN C 119 10.91 -6.57 -2.44
CA ASN C 119 10.94 -7.47 -3.61
C ASN C 119 11.79 -8.72 -3.35
N ILE C 120 11.59 -9.75 -4.17
CA ILE C 120 12.30 -11.03 -4.10
C ILE C 120 13.81 -10.83 -3.96
N GLY C 121 14.44 -11.62 -3.07
CA GLY C 121 15.87 -11.53 -2.86
C GLY C 121 16.37 -10.43 -1.89
N ALA C 122 15.51 -9.46 -1.56
CA ALA C 122 15.89 -8.40 -0.60
C ALA C 122 16.35 -9.02 0.72
N VAL C 123 17.34 -8.41 1.35
CA VAL C 123 17.86 -8.91 2.61
C VAL C 123 17.80 -7.76 3.58
N VAL C 124 17.23 -8.01 4.76
CA VAL C 124 17.19 -6.98 5.81
C VAL C 124 17.89 -7.55 7.05
N GLY C 125 19.01 -6.94 7.45
CA GLY C 125 19.74 -7.46 8.59
C GLY C 125 19.08 -7.24 9.95
N ALA C 126 19.63 -7.88 10.99
CA ALA C 126 19.16 -7.76 12.36
C ALA C 126 19.06 -6.31 12.85
N GLY C 127 17.92 -5.97 13.43
CA GLY C 127 17.76 -4.69 14.11
C GLY C 127 17.50 -3.52 13.19
N THR C 128 17.35 -3.80 11.89
CA THR C 128 17.15 -2.74 10.93
C THR C 128 15.67 -2.34 10.83
N MSE C 129 15.42 -1.04 10.75
CA MSE C 129 14.08 -0.58 10.34
C MSE C 129 13.97 -0.16 8.87
O MSE C 129 14.73 0.67 8.36
CB MSE C 129 13.55 0.53 11.27
CG MSE C 129 12.07 0.87 10.92
SE MSE C 129 11.48 2.37 11.86
CE MSE C 129 11.27 1.55 13.59
N ILE C 130 13.01 -0.76 8.19
CA ILE C 130 12.58 -0.32 6.87
C ILE C 130 11.30 0.53 7.09
N ASP C 131 11.43 1.85 6.89
CA ASP C 131 10.35 2.77 7.28
C ASP C 131 9.20 2.81 6.26
N MSE C 132 8.11 3.50 6.64
CA MSE C 132 6.83 3.49 5.91
C MSE C 132 6.98 3.78 4.42
O MSE C 132 7.61 4.78 4.04
CB MSE C 132 5.91 4.54 6.53
CG MSE C 132 5.57 4.25 7.99
SE MSE C 132 4.64 5.70 8.82
CE MSE C 132 6.18 6.89 8.86
N GLY C 133 6.42 2.93 3.57
CA GLY C 133 6.40 3.22 2.13
C GLY C 133 7.77 3.07 1.42
N ALA C 134 8.81 2.62 2.15
CA ALA C 134 10.10 2.33 1.52
C ALA C 134 10.01 1.13 0.58
N VAL C 135 10.90 1.12 -0.40
CA VAL C 135 10.93 0.07 -1.42
C VAL C 135 12.31 -0.54 -1.53
N LEU C 136 12.41 -1.85 -1.27
CA LEU C 136 13.65 -2.58 -1.57
C LEU C 136 13.50 -3.39 -2.83
N GLY C 137 14.25 -2.99 -3.85
CA GLY C 137 14.20 -3.69 -5.13
C GLY C 137 14.79 -5.10 -5.03
N GLY C 138 14.67 -5.86 -6.09
CA GLY C 138 15.26 -7.20 -6.16
C GLY C 138 16.70 -7.21 -5.68
N ARG C 139 16.97 -8.13 -4.78
CA ARG C 139 18.30 -8.40 -4.19
C ARG C 139 18.94 -7.28 -3.35
N ALA C 140 18.23 -6.17 -3.11
CA ALA C 140 18.76 -5.06 -2.30
C ALA C 140 19.10 -5.58 -0.89
N THR C 141 20.32 -5.31 -0.46
CA THR C 141 20.84 -5.95 0.74
C THR C 141 21.11 -4.87 1.79
N VAL C 142 20.49 -5.00 2.94
CA VAL C 142 20.64 -3.98 3.99
C VAL C 142 21.29 -4.60 5.22
N GLY C 143 22.32 -3.96 5.75
CA GLY C 143 22.99 -4.48 6.93
C GLY C 143 22.16 -4.44 8.22
N LYS C 144 22.86 -4.60 9.34
CA LYS C 144 22.31 -4.54 10.69
C LYS C 144 22.20 -3.12 11.21
N HIS C 145 21.13 -2.86 11.94
CA HIS C 145 20.93 -1.56 12.64
C HIS C 145 20.98 -0.34 11.74
N CYS C 146 20.45 -0.50 10.52
CA CYS C 146 20.21 0.60 9.60
C CYS C 146 18.83 1.19 9.77
N HIS C 147 18.68 2.42 9.33
CA HIS C 147 17.36 3.01 9.20
C HIS C 147 17.20 3.47 7.73
N ILE C 148 16.26 2.83 7.05
CA ILE C 148 15.92 3.16 5.67
C ILE C 148 14.65 4.00 5.72
N GLY C 149 14.82 5.29 5.47
CA GLY C 149 13.74 6.23 5.66
C GLY C 149 12.50 6.07 4.79
N ALA C 150 11.40 6.68 5.24
CA ALA C 150 10.10 6.61 4.56
C ALA C 150 10.18 6.97 3.10
N GLY C 151 9.58 6.14 2.24
CA GLY C 151 9.58 6.43 0.79
C GLY C 151 10.90 6.22 0.01
N THR C 152 11.97 5.89 0.71
CA THR C 152 13.24 5.60 0.09
C THR C 152 13.15 4.39 -0.86
N VAL C 153 13.82 4.52 -1.99
CA VAL C 153 13.92 3.42 -2.95
C VAL C 153 15.37 2.94 -3.05
N LEU C 154 15.55 1.64 -2.81
CA LEU C 154 16.81 0.98 -3.05
C LEU C 154 16.59 0.18 -4.34
N ALA C 155 17.27 0.60 -5.40
CA ALA C 155 17.05 0.06 -6.74
C ALA C 155 17.32 -1.44 -6.82
N GLY C 156 16.52 -2.11 -7.63
CA GLY C 156 16.55 -3.56 -7.75
C GLY C 156 17.46 -4.03 -8.87
N VAL C 157 18.04 -5.21 -8.65
CA VAL C 157 18.91 -5.86 -9.61
C VAL C 157 18.56 -7.35 -9.57
N ILE C 158 17.72 -7.82 -10.48
CA ILE C 158 17.46 -9.26 -10.59
C ILE C 158 18.34 -9.83 -11.70
N GLU C 159 18.24 -9.21 -12.87
CA GLU C 159 19.04 -9.64 -14.01
C GLU C 159 19.97 -8.49 -14.38
N PRO C 160 21.20 -8.79 -14.82
CA PRO C 160 21.74 -10.13 -14.94
C PRO C 160 22.19 -10.57 -13.55
N PRO C 161 22.25 -11.89 -13.30
CA PRO C 161 22.59 -12.41 -11.96
C PRO C 161 24.00 -12.07 -11.46
N SER C 162 24.94 -11.83 -12.39
CA SER C 162 26.32 -11.40 -12.05
C SER C 162 26.46 -9.93 -11.56
N ALA C 163 25.41 -9.14 -11.77
CA ALA C 163 25.36 -7.76 -11.35
C ALA C 163 25.26 -7.67 -9.83
N ALA C 164 26.00 -6.72 -9.25
CA ALA C 164 25.93 -6.45 -7.82
C ALA C 164 24.60 -5.78 -7.51
N PRO C 165 23.95 -6.17 -6.39
CA PRO C 165 22.77 -5.42 -5.96
C PRO C 165 23.17 -4.14 -5.23
N VAL C 166 22.19 -3.36 -4.80
CA VAL C 166 22.41 -2.32 -3.82
C VAL C 166 22.87 -3.00 -2.52
N VAL C 167 23.97 -2.52 -1.94
CA VAL C 167 24.41 -3.02 -0.63
C VAL C 167 24.50 -1.86 0.39
N ILE C 168 23.70 -1.93 1.44
CA ILE C 168 23.79 -0.94 2.52
C ILE C 168 24.53 -1.59 3.68
N GLU C 169 25.65 -1.01 4.08
CA GLU C 169 26.45 -1.63 5.14
C GLU C 169 25.79 -1.36 6.49
N ASN C 170 26.32 -1.88 7.60
CA ASN C 170 25.76 -1.66 8.94
C ASN C 170 25.70 -0.20 9.37
N GLU C 171 24.63 0.13 10.12
CA GLU C 171 24.52 1.41 10.87
C GLU C 171 24.29 2.64 10.01
N VAL C 172 23.86 2.41 8.78
CA VAL C 172 23.53 3.45 7.85
C VAL C 172 22.13 3.99 8.12
N VAL C 173 22.01 5.30 7.98
CA VAL C 173 20.74 6.01 8.04
C VAL C 173 20.55 6.69 6.69
N ILE C 174 19.41 6.43 6.07
CA ILE C 174 19.04 7.09 4.83
C ILE C 174 17.75 7.88 5.04
N GLY C 175 17.76 9.14 4.64
CA GLY C 175 16.58 10.03 4.70
C GLY C 175 15.39 9.59 3.85
N ALA C 176 14.26 10.22 4.09
CA ALA C 176 13.02 9.99 3.39
C ALA C 176 13.14 10.31 1.89
N ASN C 177 12.45 9.49 1.09
CA ASN C 177 12.37 9.70 -0.37
C ASN C 177 13.72 9.83 -1.09
N ALA C 178 14.77 9.24 -0.51
CA ALA C 178 16.02 9.08 -1.21
C ALA C 178 15.98 7.94 -2.24
N VAL C 179 16.96 7.95 -3.13
CA VAL C 179 17.14 6.83 -4.06
C VAL C 179 18.58 6.36 -4.03
N VAL C 180 18.77 5.05 -3.93
CA VAL C 180 20.09 4.43 -4.14
C VAL C 180 20.05 3.62 -5.44
N LEU C 181 20.88 3.99 -6.41
CA LEU C 181 20.84 3.35 -7.74
C LEU C 181 21.48 1.97 -7.74
N GLU C 182 21.31 1.25 -8.85
CA GLU C 182 21.70 -0.16 -8.98
C GLU C 182 23.18 -0.42 -8.72
N GLY C 183 23.45 -1.35 -7.82
CA GLY C 183 24.85 -1.78 -7.57
C GLY C 183 25.66 -0.89 -6.63
N VAL C 184 25.10 0.24 -6.21
CA VAL C 184 25.78 1.17 -5.30
C VAL C 184 25.95 0.56 -3.90
N ARG C 185 27.16 0.71 -3.34
CA ARG C 185 27.45 0.33 -1.96
C ARG C 185 27.47 1.60 -1.07
N VAL C 186 26.73 1.57 0.02
CA VAL C 186 26.78 2.67 0.98
C VAL C 186 27.55 2.15 2.19
N GLY C 187 28.69 2.79 2.43
CA GLY C 187 29.62 2.34 3.49
C GLY C 187 29.07 2.44 4.91
N GLU C 188 29.69 1.67 5.81
CA GLU C 188 29.29 1.59 7.21
C GLU C 188 29.18 2.97 7.89
N GLY C 189 28.09 3.15 8.64
CA GLY C 189 27.94 4.37 9.45
C GLY C 189 27.73 5.64 8.65
N ALA C 190 27.49 5.49 7.35
CA ALA C 190 27.27 6.65 6.47
C ALA C 190 25.85 7.19 6.62
N VAL C 191 25.64 8.43 6.22
CA VAL C 191 24.32 9.03 6.28
C VAL C 191 23.98 9.59 4.89
N VAL C 192 22.79 9.26 4.41
CA VAL C 192 22.28 9.77 3.15
C VAL C 192 21.13 10.71 3.47
N ALA C 193 21.25 11.96 3.03
CA ALA C 193 20.23 12.98 3.29
C ALA C 193 18.90 12.70 2.57
N ALA C 194 17.80 13.23 3.12
CA ALA C 194 16.48 13.09 2.52
C ALA C 194 16.53 13.53 1.08
N GLY C 195 15.87 12.78 0.20
CA GLY C 195 15.72 13.22 -1.20
C GLY C 195 16.98 13.12 -2.05
N ALA C 196 18.05 12.52 -1.52
CA ALA C 196 19.26 12.36 -2.28
C ALA C 196 19.11 11.24 -3.32
N VAL C 197 19.82 11.39 -4.42
CA VAL C 197 19.94 10.27 -5.35
C VAL C 197 21.40 9.87 -5.39
N VAL C 198 21.66 8.68 -4.88
CA VAL C 198 23.04 8.18 -4.69
C VAL C 198 23.44 7.38 -5.92
N VAL C 199 24.40 7.91 -6.69
CA VAL C 199 24.78 7.33 -7.99
C VAL C 199 26.11 6.58 -7.97
N GLU C 200 26.89 6.74 -6.91
CA GLU C 200 28.18 6.08 -6.78
C GLU C 200 28.37 5.71 -5.33
N ASP C 201 29.31 4.79 -5.07
CA ASP C 201 29.61 4.34 -3.70
C ASP C 201 29.81 5.49 -2.71
N VAL C 202 29.25 5.32 -1.52
CA VAL C 202 29.39 6.25 -0.41
C VAL C 202 30.44 5.69 0.53
N PRO C 203 31.50 6.47 0.80
CA PRO C 203 32.50 5.99 1.73
C PRO C 203 31.92 5.80 3.13
N ALA C 204 32.48 4.86 3.87
CA ALA C 204 32.13 4.68 5.28
C ALA C 204 32.22 5.99 6.08
N HIS C 205 31.25 6.18 6.98
CA HIS C 205 31.20 7.35 7.88
C HIS C 205 31.30 8.71 7.19
N THR C 206 30.59 8.87 6.08
CA THR C 206 30.48 10.16 5.40
C THR C 206 29.00 10.47 5.23
N VAL C 207 28.70 11.76 5.09
CA VAL C 207 27.34 12.20 4.81
C VAL C 207 27.29 12.64 3.36
N VAL C 208 26.32 12.13 2.62
CA VAL C 208 26.10 12.62 1.26
C VAL C 208 24.70 13.22 1.11
N ALA C 209 24.57 14.15 0.18
CA ALA C 209 23.32 14.86 -0.03
C ALA C 209 23.28 15.41 -1.46
N GLY C 210 22.08 15.53 -2.01
CA GLY C 210 21.88 16.24 -3.28
C GLY C 210 21.40 15.32 -4.38
N VAL C 211 21.06 15.92 -5.52
CA VAL C 211 20.59 15.20 -6.71
C VAL C 211 21.47 15.64 -7.91
N PRO C 212 22.54 14.86 -8.22
CA PRO C 212 22.92 13.57 -7.60
C PRO C 212 23.70 13.81 -6.32
N ALA C 213 23.80 12.82 -5.43
CA ALA C 213 24.44 13.04 -4.11
C ALA C 213 25.95 13.22 -4.19
N LYS C 214 26.47 14.13 -3.36
CA LYS C 214 27.89 14.42 -3.24
C LYS C 214 28.27 14.34 -1.77
N VAL C 215 29.56 14.15 -1.48
CA VAL C 215 30.04 14.18 -0.09
C VAL C 215 29.89 15.57 0.52
N ILE C 216 29.16 15.67 1.61
CA ILE C 216 28.98 16.98 2.24
C ILE C 216 29.77 17.15 3.54
N LYS C 217 30.05 16.05 4.25
CA LYS C 217 30.92 16.05 5.42
C LYS C 217 31.30 14.67 5.94
N GLN C 218 32.52 14.56 6.47
CA GLN C 218 32.97 13.36 7.16
C GLN C 218 32.55 13.38 8.61
N ILE C 219 32.01 12.25 9.08
CA ILE C 219 31.58 12.10 10.46
C ILE C 219 32.71 11.49 11.28
N ASP C 220 32.95 12.07 12.45
CA ASP C 220 33.80 11.44 13.47
C ASP C 220 32.94 11.04 14.65
MG MG D . 6.60 6.86 -2.34
CL CL E . -5.02 12.78 -9.16
CL CL F . -10.87 11.35 -5.12
C ACT G . 14.34 14.49 -5.23
O ACT G . 13.50 14.79 -6.11
OXT ACT G . 15.13 13.56 -5.50
CH3 ACT G . 14.39 15.18 -3.90
C FMT H . -8.34 -2.87 -18.25
O1 FMT H . -8.41 -2.00 -17.40
O2 FMT H . -8.11 -2.70 -19.46
C FMT I . 20.72 12.55 -11.22
O1 FMT I . 20.01 11.60 -10.84
O2 FMT I . 20.35 13.72 -11.38
CL CL J . 7.47 8.22 12.38
CL CL K . 6.37 1.62 15.16
C FMT L . 5.12 21.97 -7.98
O1 FMT L . 6.23 21.82 -8.49
O2 FMT L . 4.23 21.11 -7.92
C FMT M . -6.47 -11.33 9.62
O1 FMT M . -5.53 -11.24 8.83
O2 FMT M . -6.82 -10.45 10.40
C FMT N . 0.65 23.45 16.21
O1 FMT N . 0.55 22.42 16.89
O2 FMT N . 1.59 24.25 16.30
C FMT O . -14.31 9.52 15.18
O1 FMT O . -15.07 8.56 15.07
O2 FMT O . -14.31 10.53 14.45
CL CL P . 13.23 -4.74 -8.51
CL CL Q . 7.98 -9.10 -11.14
C FMT R . 12.65 -14.28 7.44
O1 FMT R . 13.78 -14.40 7.95
O2 FMT R . 12.44 -13.92 6.30
C1 PEG S . 20.20 19.40 3.17
O1 PEG S . 21.56 19.40 2.72
C2 PEG S . 19.50 18.15 2.63
O2 PEG S . 19.18 18.33 1.24
C3 PEG S . 20.02 17.59 0.33
C4 PEG S . 19.59 16.12 0.47
O4 PEG S . 19.80 15.35 -0.70
#